data_5XW5
#
_entry.id   5XW5
#
_cell.length_a   82.930
_cell.length_b   95.930
_cell.length_c   138.620
_cell.angle_alpha   90.000
_cell.angle_beta   90.000
_cell.angle_gamma   90.000
#
_symmetry.space_group_name_H-M   'P 21 21 21'
#
loop_
_entity.id
_entity.type
_entity.pdbx_description
1 polymer 'Tyrosine-protein phosphatase CDC14'
2 polymer 'Regulatory protein SWI6'
3 non-polymer 'SULFATE ION'
4 water water
#
loop_
_entity_poly.entity_id
_entity_poly.type
_entity_poly.pdbx_seq_one_letter_code
_entity_poly.pdbx_strand_id
1 'polypeptide(L)'
;MGSSHHHHHHSQDPNSSSARLQVDKLDYDIPTTENLYFQGSMRRSVYLDNTIEFLRGRVYLGAYDYTPEDTDELVFFTVE
DAIFYNSFHLDFGPMNIGHLYRFAVIFHEILNDPENANKAVVFYSSASTRQRANAACMLCCYMILVQAWTPHQVLQPLAQ
VDPPFMPFRDAGYSNADFEITIQDVVYGVWRAKEKGLIDLHSFNLESYEKYEHVEFGDFNVLTPDFIAFASPQEDHPKGY
LATKSSHLNQPFKSVLNFFANNNVQLVVRLNSHLYNKKHFEDIGIQHLDLIFEDGTCPDLSIVKNFVGAAETIIKRGGKI
AVHSKAGLGRTGCLIGAHLIYTYGFTANECIGFLRFIRPGMVVGPQQHWLYLHQNDFREWKYTTRISLKPSEAIGGLYPL
ISLEEYRLQKKKLKD
;
A,B
2 'polypeptide(L)' HRELG(SEP)PLKK C
#
# COMPACT_ATOMS: atom_id res chain seq x y z
N ILE A 30 -7.35 -24.04 20.41
CA ILE A 30 -6.37 -24.54 19.46
C ILE A 30 -5.39 -25.45 20.18
N PRO A 31 -5.36 -26.72 19.78
CA PRO A 31 -4.43 -27.66 20.42
C PRO A 31 -3.00 -27.37 20.03
N THR A 32 -2.08 -27.73 20.92
CA THR A 32 -0.66 -27.62 20.63
C THR A 32 -0.29 -28.53 19.46
N THR A 33 0.70 -28.10 18.68
CA THR A 33 1.17 -28.87 17.55
C THR A 33 2.67 -28.59 17.39
N GLU A 34 3.29 -29.30 16.45
CA GLU A 34 4.72 -29.08 16.15
C GLU A 34 4.95 -27.62 15.79
N ASN A 35 6.01 -27.03 16.35
CA ASN A 35 6.24 -25.60 16.23
C ASN A 35 6.99 -25.31 14.94
N LEU A 36 6.29 -24.68 13.99
CA LEU A 36 6.85 -24.43 12.66
C LEU A 36 7.73 -23.19 12.64
N ARG A 43 13.55 -31.91 6.12
CA ARG A 43 12.69 -32.67 5.24
C ARG A 43 12.91 -32.23 3.78
N ARG A 44 12.76 -33.18 2.86
CA ARG A 44 13.02 -32.91 1.45
C ARG A 44 11.73 -32.48 0.75
N SER A 45 11.89 -31.69 -0.31
CA SER A 45 10.77 -31.10 -1.00
C SER A 45 10.00 -32.13 -1.83
N VAL A 46 8.70 -31.91 -1.94
CA VAL A 46 7.85 -32.62 -2.89
C VAL A 46 7.36 -31.61 -3.91
N TYR A 47 7.05 -32.10 -5.12
CA TYR A 47 6.73 -31.23 -6.23
C TYR A 47 5.38 -31.65 -6.83
N LEU A 48 4.41 -30.74 -6.73
CA LEU A 48 3.08 -30.94 -7.27
C LEU A 48 2.70 -29.73 -8.13
N ASP A 49 1.96 -29.99 -9.21
CA ASP A 49 1.46 -28.89 -10.01
C ASP A 49 0.38 -28.13 -9.25
N ASN A 50 0.26 -26.83 -9.55
CA ASN A 50 -0.75 -25.97 -8.93
C ASN A 50 -0.64 -26.00 -7.41
N THR A 51 0.58 -26.15 -6.90
CA THR A 51 0.84 -26.20 -5.47
C THR A 51 2.01 -25.27 -5.15
N ILE A 52 1.89 -24.56 -4.02
CA ILE A 52 2.91 -23.64 -3.56
C ILE A 52 3.48 -24.15 -2.25
N GLU A 53 4.79 -24.08 -2.11
CA GLU A 53 5.47 -24.59 -0.92
C GLU A 53 5.57 -23.49 0.14
N PHE A 54 4.99 -23.74 1.31
CA PHE A 54 5.20 -22.84 2.45
C PHE A 54 6.32 -23.30 3.35
N LEU A 55 6.31 -24.57 3.74
CA LEU A 55 7.37 -25.19 4.51
C LEU A 55 7.78 -26.46 3.78
N ARG A 56 9.06 -26.54 3.39
CA ARG A 56 9.53 -27.64 2.56
C ARG A 56 9.21 -28.98 3.21
N GLY A 57 8.49 -29.82 2.46
CA GLY A 57 8.14 -31.16 2.88
C GLY A 57 7.00 -31.26 3.88
N ARG A 58 6.36 -30.15 4.26
CA ARG A 58 5.39 -30.26 5.36
C ARG A 58 4.12 -29.46 5.14
N VAL A 59 4.19 -28.24 4.60
CA VAL A 59 2.99 -27.42 4.41
C VAL A 59 2.99 -26.87 3.00
N TYR A 60 1.93 -27.19 2.25
CA TYR A 60 1.76 -26.74 0.87
C TYR A 60 0.38 -26.14 0.69
N LEU A 61 0.24 -25.31 -0.35
CA LEU A 61 -1.02 -24.66 -0.68
C LEU A 61 -1.39 -25.02 -2.11
N GLY A 62 -2.50 -25.75 -2.27
CA GLY A 62 -2.94 -26.19 -3.57
C GLY A 62 -4.25 -25.54 -3.99
N ALA A 63 -4.54 -25.69 -5.28
CA ALA A 63 -5.81 -25.24 -5.86
C ALA A 63 -6.26 -26.28 -6.89
N TYR A 64 -7.38 -26.93 -6.62
CA TYR A 64 -7.88 -28.00 -7.47
C TYR A 64 -9.40 -27.91 -7.59
N ASP A 65 -9.91 -28.21 -8.77
CA ASP A 65 -11.35 -28.28 -8.97
C ASP A 65 -11.90 -29.67 -8.75
N TYR A 66 -11.07 -30.61 -8.30
CA TYR A 66 -11.45 -31.97 -7.95
C TYR A 66 -11.02 -32.25 -6.51
N THR A 67 -11.27 -33.46 -6.04
CA THR A 67 -10.83 -33.85 -4.72
C THR A 67 -9.58 -34.72 -4.84
N PRO A 68 -8.40 -34.22 -4.48
CA PRO A 68 -7.19 -35.04 -4.61
C PRO A 68 -7.18 -36.16 -3.59
N GLU A 69 -6.63 -37.30 -3.99
CA GLU A 69 -6.55 -38.47 -3.13
C GLU A 69 -5.29 -38.41 -2.28
N ASP A 70 -5.44 -38.75 -1.01
CA ASP A 70 -4.29 -38.85 -0.12
C ASP A 70 -3.38 -39.99 -0.55
N THR A 71 -2.07 -39.76 -0.46
CA THR A 71 -1.07 -40.77 -0.72
C THR A 71 -0.35 -41.12 0.57
N ASP A 72 0.63 -42.03 0.46
CA ASP A 72 1.45 -42.35 1.63
C ASP A 72 2.38 -41.20 1.99
N GLU A 73 2.62 -40.27 1.06
CA GLU A 73 3.47 -39.12 1.31
C GLU A 73 2.70 -37.81 1.43
N LEU A 74 1.40 -37.79 1.11
CA LEU A 74 0.63 -36.56 1.05
C LEU A 74 -0.73 -36.73 1.68
N VAL A 75 -1.16 -35.71 2.42
CA VAL A 75 -2.53 -35.63 2.93
C VAL A 75 -3.08 -34.25 2.56
N PHE A 76 -4.27 -34.25 1.98
CA PHE A 76 -4.91 -33.04 1.46
C PHE A 76 -6.14 -32.72 2.29
N PHE A 77 -6.42 -31.43 2.48
CA PHE A 77 -7.63 -31.03 3.17
C PHE A 77 -8.04 -29.65 2.71
N THR A 78 -9.36 -29.43 2.71
CA THR A 78 -9.97 -28.16 2.35
C THR A 78 -10.99 -27.82 3.43
N VAL A 79 -11.24 -26.54 3.64
CA VAL A 79 -12.29 -26.11 4.57
C VAL A 79 -13.45 -25.45 3.84
N GLU A 80 -13.45 -25.47 2.51
CA GLU A 80 -14.49 -24.79 1.74
C GLU A 80 -15.88 -25.40 1.96
N ASP A 81 -15.95 -26.64 2.45
CA ASP A 81 -17.19 -27.33 2.75
C ASP A 81 -17.72 -27.01 4.14
N ALA A 82 -16.99 -26.22 4.93
CA ALA A 82 -17.34 -26.01 6.32
C ALA A 82 -17.17 -24.59 6.80
N ILE A 83 -16.32 -23.77 6.18
CA ILE A 83 -16.03 -22.42 6.65
C ILE A 83 -16.41 -21.47 5.53
N PHE A 84 -17.42 -20.62 5.79
CA PHE A 84 -18.12 -19.87 4.75
C PHE A 84 -18.05 -18.38 5.02
N TYR A 85 -17.54 -17.62 4.04
CA TYR A 85 -17.66 -16.18 4.08
C TYR A 85 -19.07 -15.77 3.67
N ASN A 86 -19.69 -14.89 4.46
CA ASN A 86 -21.08 -14.48 4.26
C ASN A 86 -21.08 -13.11 3.59
N SER A 87 -21.20 -13.09 2.27
CA SER A 87 -21.01 -11.85 1.51
C SER A 87 -22.17 -10.88 1.68
N PHE A 88 -21.84 -9.58 1.76
CA PHE A 88 -22.87 -8.55 1.77
C PHE A 88 -23.40 -8.31 0.37
N HIS A 89 -22.51 -8.22 -0.61
CA HIS A 89 -22.90 -8.02 -1.99
C HIS A 89 -21.95 -8.78 -2.89
N LEU A 90 -20.83 -8.16 -3.30
CA LEU A 90 -19.83 -8.79 -4.13
C LEU A 90 -18.49 -8.94 -3.44
N ASP A 91 -18.37 -8.47 -2.20
CA ASP A 91 -17.25 -8.86 -1.35
C ASP A 91 -17.22 -10.39 -1.25
N PHE A 92 -16.02 -10.94 -1.15
CA PHE A 92 -15.83 -12.38 -1.03
C PHE A 92 -14.84 -12.76 0.06
N GLY A 93 -14.19 -11.78 0.69
CA GLY A 93 -13.13 -12.05 1.64
C GLY A 93 -12.49 -10.74 2.08
N PRO A 94 -11.46 -10.80 2.92
CA PRO A 94 -10.82 -12.04 3.40
C PRO A 94 -11.64 -12.79 4.45
N MET A 95 -11.27 -14.04 4.70
CA MET A 95 -11.83 -14.78 5.82
C MET A 95 -11.49 -14.07 7.13
N ASN A 96 -12.39 -14.20 8.11
CA ASN A 96 -12.27 -13.40 9.33
C ASN A 96 -11.56 -14.21 10.44
N ILE A 97 -11.38 -13.56 11.59
CA ILE A 97 -10.61 -14.18 12.67
C ILE A 97 -11.31 -15.44 13.20
N GLY A 98 -12.63 -15.50 13.16
CA GLY A 98 -13.31 -16.73 13.59
C GLY A 98 -13.10 -17.88 12.62
N HIS A 99 -13.19 -17.59 11.31
CA HIS A 99 -12.79 -18.54 10.28
C HIS A 99 -11.37 -19.04 10.51
N LEU A 100 -10.45 -18.11 10.76
CA LEU A 100 -9.04 -18.49 10.92
C LEU A 100 -8.84 -19.39 12.13
N TYR A 101 -9.48 -19.04 13.24
CA TYR A 101 -9.39 -19.84 14.45
C TYR A 101 -9.88 -21.27 14.20
N ARG A 102 -11.00 -21.41 13.49
CA ARG A 102 -11.51 -22.73 13.18
C ARG A 102 -10.59 -23.46 12.20
N PHE A 103 -10.05 -22.75 11.21
CA PHE A 103 -9.03 -23.34 10.35
C PHE A 103 -7.86 -23.87 11.16
N ALA A 104 -7.40 -23.09 12.15
CA ALA A 104 -6.25 -23.52 12.95
C ALA A 104 -6.54 -24.82 13.69
N VAL A 105 -7.74 -24.97 14.25
CA VAL A 105 -8.09 -26.21 14.95
C VAL A 105 -8.07 -27.39 13.98
N ILE A 106 -8.68 -27.21 12.81
CA ILE A 106 -8.72 -28.28 11.81
C ILE A 106 -7.32 -28.63 11.34
N PHE A 107 -6.50 -27.61 11.08
CA PHE A 107 -5.11 -27.81 10.64
C PHE A 107 -4.31 -28.58 11.68
N HIS A 108 -4.41 -28.18 12.95
CA HIS A 108 -3.61 -28.81 13.99
C HIS A 108 -4.02 -30.25 14.22
N GLU A 109 -5.31 -30.57 14.03
CA GLU A 109 -5.75 -31.96 14.14
C GLU A 109 -5.12 -32.82 13.05
N ILE A 110 -4.98 -32.27 11.84
CA ILE A 110 -4.32 -33.00 10.77
C ILE A 110 -2.82 -33.13 11.04
N LEU A 111 -2.17 -32.04 11.47
CA LEU A 111 -0.75 -32.08 11.79
C LEU A 111 -0.44 -33.05 12.93
N ASN A 112 -1.36 -33.23 13.87
CA ASN A 112 -1.11 -34.05 15.06
C ASN A 112 -1.51 -35.50 14.87
N ASP A 113 -2.07 -35.86 13.72
CA ASP A 113 -2.45 -37.24 13.46
C ASP A 113 -1.20 -38.08 13.28
N PRO A 114 -1.00 -39.14 14.07
CA PRO A 114 0.16 -40.03 13.83
C PRO A 114 0.17 -40.64 12.43
N GLU A 115 -1.01 -40.82 11.83
CA GLU A 115 -1.07 -41.28 10.45
C GLU A 115 -0.31 -40.36 9.50
N ASN A 116 -0.25 -39.07 9.82
CA ASN A 116 0.36 -38.06 8.94
C ASN A 116 1.76 -37.65 9.38
N ALA A 117 2.44 -38.48 10.18
CA ALA A 117 3.73 -38.09 10.74
C ALA A 117 4.79 -37.83 9.68
N ASN A 118 4.83 -38.64 8.62
CA ASN A 118 5.77 -38.46 7.52
C ASN A 118 5.03 -38.13 6.22
N LYS A 119 4.04 -37.25 6.29
CA LYS A 119 3.35 -36.75 5.12
C LYS A 119 3.51 -35.25 5.04
N ALA A 120 3.51 -34.73 3.81
CA ALA A 120 3.35 -33.30 3.59
C ALA A 120 1.86 -32.97 3.61
N VAL A 121 1.49 -31.90 4.31
CA VAL A 121 0.10 -31.47 4.38
C VAL A 121 -0.15 -30.45 3.27
N VAL A 122 -1.17 -30.70 2.44
CA VAL A 122 -1.55 -29.79 1.37
C VAL A 122 -2.93 -29.24 1.71
N PHE A 123 -2.96 -28.00 2.19
CA PHE A 123 -4.20 -27.24 2.30
C PHE A 123 -4.61 -26.75 0.92
N TYR A 124 -5.86 -26.96 0.53
CA TYR A 124 -6.28 -26.55 -0.80
C TYR A 124 -7.66 -25.91 -0.81
N SER A 125 -7.92 -25.22 -1.91
CA SER A 125 -9.19 -24.59 -2.24
C SER A 125 -9.55 -25.02 -3.66
N SER A 126 -10.78 -24.68 -4.07
CA SER A 126 -11.13 -24.75 -5.48
C SER A 126 -10.31 -23.72 -6.26
N ALA A 127 -10.45 -23.73 -7.58
CA ALA A 127 -9.49 -23.05 -8.45
C ALA A 127 -9.86 -21.62 -8.81
N SER A 128 -10.98 -21.08 -8.33
CA SER A 128 -11.30 -19.70 -8.68
C SER A 128 -10.31 -18.74 -8.01
N THR A 129 -10.08 -17.60 -8.67
CA THR A 129 -9.13 -16.65 -8.12
C THR A 129 -9.60 -16.08 -6.78
N ARG A 130 -10.91 -16.03 -6.54
CA ARG A 130 -11.41 -15.56 -5.26
C ARG A 130 -11.17 -16.57 -4.15
N GLN A 131 -11.52 -17.84 -4.40
CA GLN A 131 -11.33 -18.83 -3.34
C GLN A 131 -9.85 -19.10 -3.09
N ARG A 132 -9.01 -18.97 -4.13
CA ARG A 132 -7.58 -19.07 -3.91
C ARG A 132 -7.06 -17.92 -3.06
N ALA A 133 -7.56 -16.71 -3.30
CA ALA A 133 -7.15 -15.58 -2.46
C ALA A 133 -7.54 -15.81 -1.00
N ASN A 134 -8.76 -16.28 -0.76
CA ASN A 134 -9.18 -16.53 0.61
C ASN A 134 -8.31 -17.58 1.29
N ALA A 135 -8.03 -18.69 0.60
CA ALA A 135 -7.25 -19.75 1.24
C ALA A 135 -5.83 -19.31 1.48
N ALA A 136 -5.22 -18.64 0.51
CA ALA A 136 -3.86 -18.13 0.66
C ALA A 136 -3.77 -17.13 1.80
N CYS A 137 -4.68 -16.16 1.83
CA CYS A 137 -4.64 -15.15 2.88
C CYS A 137 -4.88 -15.79 4.24
N MET A 138 -5.77 -16.77 4.32
CA MET A 138 -6.02 -17.40 5.61
C MET A 138 -4.81 -18.22 6.09
N LEU A 139 -4.15 -18.95 5.19
CA LEU A 139 -2.92 -19.64 5.61
C LEU A 139 -1.84 -18.65 6.03
N CYS A 140 -1.73 -17.51 5.33
CA CYS A 140 -0.77 -16.49 5.73
C CYS A 140 -1.09 -15.95 7.11
N CYS A 141 -2.36 -15.61 7.35
CA CYS A 141 -2.76 -15.11 8.66
C CYS A 141 -2.50 -16.15 9.74
N TYR A 142 -2.68 -17.43 9.41
CA TYR A 142 -2.35 -18.49 10.37
C TYR A 142 -0.87 -18.43 10.74
N MET A 143 0.01 -18.34 9.75
CA MET A 143 1.43 -18.37 10.04
C MET A 143 1.86 -17.13 10.83
N ILE A 144 1.24 -15.99 10.55
CA ILE A 144 1.51 -14.77 11.30
C ILE A 144 1.08 -14.93 12.76
N LEU A 145 -0.14 -15.40 12.98
CA LEU A 145 -0.74 -15.34 14.30
C LEU A 145 -0.41 -16.55 15.17
N VAL A 146 -0.19 -17.72 14.56
CA VAL A 146 0.06 -18.93 15.32
C VAL A 146 1.53 -19.35 15.31
N GLN A 147 2.26 -19.09 14.23
CA GLN A 147 3.63 -19.59 14.10
C GLN A 147 4.68 -18.49 14.09
N ALA A 148 4.30 -17.24 14.35
CA ALA A 148 5.23 -16.12 14.50
C ALA A 148 6.03 -15.84 13.24
N TRP A 149 5.51 -16.19 12.06
CA TRP A 149 6.17 -15.77 10.84
C TRP A 149 6.03 -14.26 10.64
N THR A 150 6.89 -13.70 9.81
CA THR A 150 6.88 -12.29 9.47
C THR A 150 6.26 -12.09 8.11
N PRO A 151 5.81 -10.88 7.77
CA PRO A 151 5.13 -10.68 6.48
C PRO A 151 5.94 -11.13 5.27
N HIS A 152 7.22 -10.77 5.20
CA HIS A 152 7.98 -11.16 4.03
C HIS A 152 8.12 -12.68 3.94
N GLN A 153 8.09 -13.38 5.08
CA GLN A 153 8.15 -14.85 5.09
C GLN A 153 6.88 -15.49 4.53
N VAL A 154 5.70 -14.98 4.92
CA VAL A 154 4.48 -15.56 4.39
C VAL A 154 4.17 -15.07 2.99
N LEU A 155 4.72 -13.91 2.59
CA LEU A 155 4.35 -13.39 1.27
C LEU A 155 5.24 -13.93 0.16
N GLN A 156 6.48 -14.30 0.45
CA GLN A 156 7.34 -14.83 -0.60
C GLN A 156 6.71 -15.99 -1.38
N PRO A 157 6.08 -16.99 -0.74
CA PRO A 157 5.49 -18.08 -1.53
C PRO A 157 4.41 -17.63 -2.49
N LEU A 158 3.69 -16.55 -2.19
CA LEU A 158 2.55 -16.14 -3.00
C LEU A 158 2.89 -15.14 -4.09
N ALA A 159 4.08 -14.52 -4.03
CA ALA A 159 4.38 -13.44 -4.96
C ALA A 159 4.50 -13.97 -6.39
N GLN A 160 3.89 -13.23 -7.33
CA GLN A 160 3.97 -13.52 -8.77
C GLN A 160 3.38 -14.88 -9.13
N VAL A 161 2.43 -15.37 -8.33
CA VAL A 161 1.71 -16.58 -8.73
C VAL A 161 0.83 -16.27 -9.93
N ASP A 162 0.81 -17.18 -10.91
CA ASP A 162 -0.01 -17.05 -12.11
C ASP A 162 -0.97 -18.23 -12.17
N PRO A 163 -2.28 -18.02 -12.27
CA PRO A 163 -2.91 -16.70 -12.32
C PRO A 163 -2.85 -16.02 -10.95
N PRO A 164 -2.87 -14.69 -10.94
CA PRO A 164 -2.84 -13.97 -9.67
C PRO A 164 -4.10 -14.23 -8.85
N PHE A 165 -4.00 -13.91 -7.57
CA PHE A 165 -5.15 -13.95 -6.69
C PHE A 165 -6.05 -12.75 -6.95
N MET A 166 -7.35 -12.93 -6.74
CA MET A 166 -8.26 -11.80 -6.90
C MET A 166 -8.08 -10.84 -5.73
N PRO A 167 -7.77 -9.56 -5.96
CA PRO A 167 -7.73 -8.59 -4.87
C PRO A 167 -9.08 -8.48 -4.16
N PHE A 168 -9.04 -8.10 -2.88
CA PHE A 168 -10.26 -7.99 -2.08
C PHE A 168 -10.97 -6.66 -2.34
N ARG A 169 -12.30 -6.73 -2.54
CA ARG A 169 -13.12 -5.53 -2.73
C ARG A 169 -13.98 -5.27 -1.50
N ASP A 170 -14.61 -4.09 -1.48
CA ASP A 170 -15.48 -3.69 -0.38
C ASP A 170 -16.83 -4.40 -0.47
N ALA A 171 -17.69 -4.13 0.51
CA ALA A 171 -18.98 -4.80 0.66
C ALA A 171 -20.17 -3.97 0.19
N GLY A 172 -19.94 -2.76 -0.32
CA GLY A 172 -21.01 -1.88 -0.73
C GLY A 172 -21.61 -2.26 -2.08
N TYR A 173 -22.63 -1.50 -2.45
CA TYR A 173 -23.44 -1.83 -3.62
C TYR A 173 -22.96 -1.15 -4.90
N SER A 174 -22.00 -0.24 -4.81
CA SER A 174 -21.50 0.43 -6.01
C SER A 174 -20.44 -0.45 -6.70
N ASN A 175 -20.09 -0.06 -7.93
CA ASN A 175 -18.98 -0.70 -8.63
C ASN A 175 -17.69 -0.51 -7.83
N ALA A 176 -16.88 -1.56 -7.76
CA ALA A 176 -15.65 -1.48 -6.99
C ALA A 176 -14.67 -0.51 -7.64
N ASP A 177 -13.90 0.19 -6.80
CA ASP A 177 -12.91 1.12 -7.32
C ASP A 177 -11.70 1.22 -6.39
N PHE A 178 -11.55 0.29 -5.45
CA PHE A 178 -10.48 0.32 -4.46
C PHE A 178 -10.25 -1.12 -4.03
N GLU A 179 -9.01 -1.58 -4.09
CA GLU A 179 -8.71 -2.95 -3.73
C GLU A 179 -7.67 -2.98 -2.63
N ILE A 180 -7.77 -3.99 -1.75
CA ILE A 180 -6.68 -4.30 -0.84
C ILE A 180 -6.19 -5.70 -1.19
N THR A 181 -4.93 -5.94 -0.88
CA THR A 181 -4.28 -7.18 -1.30
C THR A 181 -4.00 -8.07 -0.09
N ILE A 182 -3.53 -9.28 -0.37
CA ILE A 182 -3.08 -10.13 0.71
C ILE A 182 -1.93 -9.47 1.46
N GLN A 183 -1.02 -8.81 0.72
CA GLN A 183 0.05 -8.06 1.37
C GLN A 183 -0.49 -7.04 2.37
N ASP A 184 -1.55 -6.30 1.99
CA ASP A 184 -2.16 -5.34 2.92
C ASP A 184 -2.72 -6.03 4.14
N VAL A 185 -3.49 -7.11 3.94
CA VAL A 185 -4.11 -7.80 5.06
C VAL A 185 -3.05 -8.41 5.98
N VAL A 186 -2.05 -9.05 5.38
CA VAL A 186 -1.00 -9.69 6.17
C VAL A 186 -0.27 -8.65 7.02
N TYR A 187 0.10 -7.52 6.42
CA TYR A 187 0.80 -6.50 7.19
C TYR A 187 -0.09 -5.91 8.26
N GLY A 188 -1.38 -5.71 7.96
CA GLY A 188 -2.29 -5.15 8.95
C GLY A 188 -2.52 -6.09 10.12
N VAL A 189 -2.74 -7.38 9.83
CA VAL A 189 -2.91 -8.38 10.89
C VAL A 189 -1.63 -8.52 11.72
N TRP A 190 -0.47 -8.54 11.04
CA TRP A 190 0.80 -8.61 11.76
C TRP A 190 1.00 -7.40 12.66
N ARG A 191 0.77 -6.19 12.13
CA ARG A 191 0.94 -4.99 12.95
C ARG A 191 -0.02 -5.01 14.13
N ALA A 192 -1.26 -5.43 13.89
CA ALA A 192 -2.23 -5.51 14.99
C ALA A 192 -1.75 -6.50 16.05
N LYS A 193 -1.21 -7.64 15.63
CA LYS A 193 -0.68 -8.59 16.60
C LYS A 193 0.49 -7.98 17.37
N GLU A 194 1.41 -7.33 16.64
CA GLU A 194 2.56 -6.70 17.30
C GLU A 194 2.15 -5.63 18.31
N LYS A 195 1.05 -4.92 18.06
CA LYS A 195 0.57 -3.90 18.99
C LYS A 195 -0.33 -4.46 20.09
N GLY A 196 -0.47 -5.78 20.17
CA GLY A 196 -1.31 -6.37 21.20
C GLY A 196 -2.80 -6.27 20.96
N LEU A 197 -3.24 -6.10 19.71
CA LEU A 197 -4.66 -5.97 19.41
C LEU A 197 -5.33 -7.30 19.07
N ILE A 198 -4.53 -8.31 18.72
CA ILE A 198 -5.02 -9.66 18.44
C ILE A 198 -4.26 -10.61 19.35
N ASP A 199 -4.99 -11.53 19.98
CA ASP A 199 -4.35 -12.53 20.83
C ASP A 199 -5.19 -13.81 20.76
N LEU A 200 -4.75 -14.76 19.94
CA LEU A 200 -5.55 -15.97 19.75
C LEU A 200 -5.58 -16.85 20.99
N HIS A 201 -4.65 -16.65 21.92
CA HIS A 201 -4.67 -17.41 23.17
C HIS A 201 -5.87 -17.05 24.03
N SER A 202 -6.32 -15.79 23.98
CA SER A 202 -7.49 -15.39 24.74
C SER A 202 -8.74 -15.28 23.88
N PHE A 203 -8.61 -15.42 22.56
CA PHE A 203 -9.75 -15.27 21.66
C PHE A 203 -10.83 -16.30 21.98
N ASN A 204 -12.07 -15.81 22.13
CA ASN A 204 -13.23 -16.61 22.52
C ASN A 204 -14.07 -16.80 21.26
N LEU A 205 -13.92 -17.96 20.61
CA LEU A 205 -14.63 -18.19 19.35
C LEU A 205 -16.13 -18.18 19.55
N GLU A 206 -16.62 -18.79 20.63
CA GLU A 206 -18.06 -18.90 20.81
C GLU A 206 -18.68 -17.52 21.02
N SER A 207 -18.03 -16.65 21.79
CA SER A 207 -18.54 -15.28 21.95
C SER A 207 -18.48 -14.52 20.63
N TYR A 208 -17.35 -14.61 19.91
CA TYR A 208 -17.23 -13.95 18.61
C TYR A 208 -18.37 -14.35 17.68
N GLU A 209 -18.62 -15.65 17.55
CA GLU A 209 -19.62 -16.14 16.60
C GLU A 209 -21.05 -15.78 17.04
N LYS A 210 -21.33 -15.83 18.34
CA LYS A 210 -22.68 -15.49 18.81
C LYS A 210 -23.04 -14.06 18.44
N TYR A 211 -22.21 -13.11 18.85
CA TYR A 211 -22.59 -11.71 18.80
C TYR A 211 -22.47 -11.11 17.40
N GLU A 212 -21.81 -11.77 16.47
CA GLU A 212 -21.89 -11.27 15.11
C GLU A 212 -23.24 -11.55 14.47
N HIS A 213 -24.08 -12.42 15.07
CA HIS A 213 -25.42 -12.66 14.55
C HIS A 213 -26.34 -11.45 14.73
N VAL A 214 -27.21 -11.23 13.73
CA VAL A 214 -28.16 -10.12 13.80
C VAL A 214 -29.01 -10.23 15.07
N GLU A 215 -29.44 -11.42 15.43
CA GLU A 215 -30.35 -11.57 16.55
C GLU A 215 -29.68 -11.38 17.91
N PHE A 216 -28.35 -11.33 17.96
CA PHE A 216 -27.67 -11.06 19.23
C PHE A 216 -26.99 -9.71 19.23
N GLY A 217 -27.24 -8.88 18.23
CA GLY A 217 -26.82 -7.49 18.25
C GLY A 217 -25.87 -7.08 17.14
N ASP A 218 -25.33 -8.03 16.38
CA ASP A 218 -24.45 -7.73 15.24
C ASP A 218 -23.34 -6.77 15.67
N PHE A 219 -22.46 -7.28 16.54
CA PHE A 219 -21.29 -6.51 16.94
C PHE A 219 -20.06 -7.39 17.02
N ASN A 220 -18.90 -6.73 16.96
CA ASN A 220 -17.60 -7.36 17.17
C ASN A 220 -16.77 -6.47 18.07
N VAL A 221 -16.10 -7.09 19.04
CA VAL A 221 -15.03 -6.42 19.76
C VAL A 221 -13.83 -6.34 18.81
N LEU A 222 -13.51 -5.13 18.36
CA LEU A 222 -12.44 -4.96 17.36
C LEU A 222 -11.06 -4.99 17.99
N THR A 223 -10.90 -4.29 19.11
CA THR A 223 -9.64 -4.17 19.84
C THR A 223 -9.98 -4.14 21.32
N PRO A 224 -8.98 -4.16 22.21
CA PRO A 224 -9.28 -3.96 23.64
C PRO A 224 -10.01 -2.64 23.93
N ASP A 225 -10.02 -1.68 23.00
CA ASP A 225 -10.65 -0.38 23.24
C ASP A 225 -11.97 -0.16 22.52
N PHE A 226 -12.30 -0.93 21.48
CA PHE A 226 -13.38 -0.57 20.57
C PHE A 226 -14.31 -1.74 20.27
N ILE A 227 -15.61 -1.45 20.28
CA ILE A 227 -16.64 -2.31 19.73
C ILE A 227 -17.28 -1.57 18.55
N ALA A 228 -17.54 -2.30 17.47
CA ALA A 228 -18.32 -1.78 16.36
C ALA A 228 -19.60 -2.59 16.27
N PHE A 229 -20.74 -1.89 16.13
CA PHE A 229 -22.02 -2.61 16.12
C PHE A 229 -23.03 -1.90 15.22
N ALA A 230 -24.02 -2.68 14.77
CA ALA A 230 -25.16 -2.13 14.06
C ALA A 230 -26.07 -1.42 15.04
N SER A 231 -26.76 -0.38 14.55
CA SER A 231 -27.66 0.36 15.42
C SER A 231 -28.73 -0.57 15.99
N PRO A 232 -28.99 -0.53 17.28
CA PRO A 232 -30.20 -1.16 17.81
C PRO A 232 -31.44 -0.53 17.20
N GLN A 233 -32.56 -1.22 17.35
CA GLN A 233 -33.84 -0.71 16.85
C GLN A 233 -34.86 -0.91 17.96
N GLU A 234 -35.72 0.10 18.17
CA GLU A 234 -36.74 0.08 19.21
C GLU A 234 -38.00 0.73 18.67
N ASP A 235 -39.12 0.02 18.72
CA ASP A 235 -40.37 0.50 18.12
C ASP A 235 -40.80 1.87 18.65
N LEU A 248 -38.01 -4.35 25.09
CA LEU A 248 -36.93 -4.25 24.09
C LEU A 248 -36.76 -5.58 23.38
N ASN A 249 -36.29 -5.57 22.13
CA ASN A 249 -36.14 -6.84 21.44
C ASN A 249 -34.86 -7.55 21.90
N GLN A 250 -34.75 -8.81 21.49
CA GLN A 250 -33.61 -9.64 21.89
C GLN A 250 -32.26 -9.05 21.48
N PRO A 251 -32.07 -8.54 20.26
CA PRO A 251 -30.74 -7.95 19.95
C PRO A 251 -30.40 -6.74 20.80
N PHE A 252 -31.38 -5.90 21.13
CA PHE A 252 -31.11 -4.73 21.97
C PHE A 252 -30.69 -5.17 23.38
N LYS A 253 -31.42 -6.11 23.99
CA LYS A 253 -31.05 -6.55 25.33
C LYS A 253 -29.68 -7.24 25.35
N SER A 254 -29.35 -7.98 24.29
CA SER A 254 -28.04 -8.61 24.19
C SER A 254 -26.94 -7.56 24.23
N VAL A 255 -27.09 -6.50 23.42
CA VAL A 255 -26.12 -5.42 23.42
C VAL A 255 -26.01 -4.78 24.79
N LEU A 256 -27.16 -4.43 25.39
CA LEU A 256 -27.14 -3.76 26.69
C LEU A 256 -26.44 -4.61 27.73
N ASN A 257 -26.73 -5.91 27.77
CA ASN A 257 -26.09 -6.77 28.76
C ASN A 257 -24.60 -6.96 28.47
N PHE A 258 -24.25 -7.18 27.20
CA PHE A 258 -22.82 -7.28 26.89
C PHE A 258 -22.08 -6.01 27.24
N PHE A 259 -22.65 -4.85 26.89
CA PHE A 259 -21.97 -3.59 27.14
C PHE A 259 -21.80 -3.34 28.63
N ALA A 260 -22.83 -3.66 29.41
CA ALA A 260 -22.75 -3.50 30.87
C ALA A 260 -21.66 -4.38 31.47
N ASN A 261 -21.46 -5.59 30.93
CA ASN A 261 -20.54 -6.55 31.52
C ASN A 261 -19.13 -6.45 30.96
N ASN A 262 -18.90 -5.65 29.94
CA ASN A 262 -17.60 -5.64 29.28
C ASN A 262 -17.02 -4.24 29.19
N ASN A 263 -17.39 -3.37 30.13
CA ASN A 263 -16.69 -2.11 30.37
C ASN A 263 -16.83 -1.13 29.21
N VAL A 264 -17.94 -1.17 28.47
CA VAL A 264 -18.25 -0.08 27.56
C VAL A 264 -18.61 1.14 28.40
N GLN A 265 -17.91 2.25 28.17
CA GLN A 265 -18.15 3.46 28.93
C GLN A 265 -18.61 4.62 28.05
N LEU A 266 -18.68 4.41 26.74
CA LEU A 266 -19.19 5.43 25.83
C LEU A 266 -19.78 4.71 24.62
N VAL A 267 -21.01 5.07 24.27
CA VAL A 267 -21.61 4.66 23.01
C VAL A 267 -21.64 5.89 22.11
N VAL A 268 -21.13 5.75 20.88
CA VAL A 268 -21.13 6.82 19.90
C VAL A 268 -22.09 6.43 18.78
N ARG A 269 -23.09 7.28 18.53
CA ARG A 269 -24.11 7.02 17.52
C ARG A 269 -23.83 7.86 16.29
N LEU A 270 -23.71 7.20 15.13
CA LEU A 270 -23.34 7.88 13.89
C LEU A 270 -24.49 8.03 12.90
N ASN A 271 -25.62 7.37 13.13
CA ASN A 271 -26.76 7.37 12.21
C ASN A 271 -27.98 7.94 12.91
N SER A 272 -29.05 8.13 12.13
CA SER A 272 -30.28 8.69 12.67
C SER A 272 -30.84 7.79 13.77
N HIS A 273 -31.73 8.36 14.58
CA HIS A 273 -32.19 7.71 15.80
C HIS A 273 -33.16 6.58 15.49
N LEU A 274 -32.80 5.36 15.87
CA LEU A 274 -33.67 4.20 15.74
C LEU A 274 -34.03 3.62 17.10
N TYR A 275 -33.49 4.18 18.17
CA TYR A 275 -33.73 3.70 19.52
C TYR A 275 -33.58 4.87 20.48
N ASN A 276 -34.08 4.69 21.70
CA ASN A 276 -33.98 5.69 22.76
C ASN A 276 -32.68 5.46 23.53
N LYS A 277 -31.81 6.47 23.53
CA LYS A 277 -30.52 6.38 24.19
C LYS A 277 -30.63 6.22 25.70
N LYS A 278 -31.82 6.44 26.26
CA LYS A 278 -31.96 6.33 27.71
C LYS A 278 -31.62 4.92 28.20
N HIS A 279 -31.81 3.90 27.37
CA HIS A 279 -31.50 2.54 27.82
C HIS A 279 -30.01 2.34 28.09
N PHE A 280 -29.13 3.02 27.34
CA PHE A 280 -27.71 2.96 27.67
C PHE A 280 -27.40 3.76 28.93
N GLU A 281 -28.03 4.93 29.08
CA GLU A 281 -27.82 5.73 30.27
C GLU A 281 -28.32 5.00 31.52
N ASP A 282 -29.37 4.18 31.37
CA ASP A 282 -29.93 3.39 32.48
C ASP A 282 -28.90 2.44 33.08
N ILE A 283 -27.91 2.01 32.31
CA ILE A 283 -26.86 1.14 32.82
C ILE A 283 -25.56 1.89 33.00
N GLY A 284 -25.63 3.22 33.06
CA GLY A 284 -24.49 4.04 33.42
C GLY A 284 -23.50 4.31 32.31
N ILE A 285 -23.89 4.18 31.06
CA ILE A 285 -23.00 4.33 29.91
C ILE A 285 -23.33 5.67 29.25
N GLN A 286 -22.32 6.51 29.09
CA GLN A 286 -22.53 7.78 28.40
C GLN A 286 -22.85 7.53 26.94
N HIS A 287 -23.74 8.35 26.39
CA HIS A 287 -24.16 8.25 24.99
C HIS A 287 -23.86 9.55 24.28
N LEU A 288 -23.23 9.47 23.09
CA LEU A 288 -22.87 10.65 22.32
C LEU A 288 -23.30 10.48 20.87
N ASP A 289 -23.97 11.50 20.32
CA ASP A 289 -24.27 11.57 18.90
C ASP A 289 -23.12 12.25 18.17
N LEU A 290 -22.65 11.64 17.08
CA LEU A 290 -21.77 12.32 16.12
C LEU A 290 -22.27 11.93 14.72
N ILE A 291 -23.53 12.29 14.43
CA ILE A 291 -24.25 11.73 13.30
C ILE A 291 -23.82 12.41 12.01
N PHE A 292 -23.64 11.61 10.96
CA PHE A 292 -23.46 12.16 9.62
C PHE A 292 -24.06 11.19 8.60
N GLU A 293 -24.26 11.69 7.38
CA GLU A 293 -25.11 11.01 6.42
C GLU A 293 -24.55 9.66 5.97
N ASP A 294 -25.42 8.66 5.92
CA ASP A 294 -25.09 7.33 5.39
C ASP A 294 -24.42 7.45 4.03
N GLY A 295 -23.29 6.75 3.87
CA GLY A 295 -22.60 6.77 2.59
C GLY A 295 -21.70 7.95 2.36
N THR A 296 -21.51 8.81 3.35
CA THR A 296 -20.62 9.95 3.20
C THR A 296 -19.40 9.78 4.09
N CYS A 297 -18.43 10.64 3.87
CA CYS A 297 -17.26 10.64 4.74
C CYS A 297 -17.32 11.81 5.72
N PRO A 298 -16.90 11.61 6.96
CA PRO A 298 -17.08 12.65 7.98
C PRO A 298 -16.14 13.83 7.76
N ASP A 299 -16.66 15.04 8.02
CA ASP A 299 -15.78 16.19 8.12
C ASP A 299 -14.69 15.92 9.14
N LEU A 300 -13.50 16.49 8.90
CA LEU A 300 -12.38 16.25 9.81
C LEU A 300 -12.66 16.76 11.23
N SER A 301 -13.56 17.72 11.37
CA SER A 301 -13.91 18.21 12.70
C SER A 301 -14.65 17.13 13.49
N ILE A 302 -15.48 16.34 12.80
CA ILE A 302 -16.13 15.20 13.44
C ILE A 302 -15.09 14.17 13.87
N VAL A 303 -14.16 13.84 12.97
CA VAL A 303 -13.12 12.86 13.30
C VAL A 303 -12.29 13.32 14.49
N LYS A 304 -11.88 14.59 14.50
CA LYS A 304 -11.09 15.12 15.61
C LYS A 304 -11.87 15.06 16.93
N ASN A 305 -13.16 15.37 16.89
CA ASN A 305 -13.97 15.25 18.11
C ASN A 305 -14.08 13.80 18.54
N PHE A 306 -14.25 12.89 17.58
CA PHE A 306 -14.32 11.48 17.93
C PHE A 306 -13.02 11.00 18.57
N VAL A 307 -11.88 11.35 17.97
CA VAL A 307 -10.60 10.90 18.50
C VAL A 307 -10.39 11.46 19.91
N GLY A 308 -10.75 12.72 20.13
CA GLY A 308 -10.66 13.28 21.48
C GLY A 308 -11.57 12.56 22.46
N ALA A 309 -12.82 12.32 22.08
CA ALA A 309 -13.75 11.59 22.93
C ALA A 309 -13.20 10.20 23.26
N ALA A 310 -12.69 9.48 22.25
CA ALA A 310 -12.18 8.13 22.48
C ALA A 310 -10.95 8.15 23.37
N GLU A 311 -10.05 9.10 23.15
CA GLU A 311 -8.87 9.20 24.01
C GLU A 311 -9.26 9.43 25.47
N THR A 312 -10.24 10.30 25.70
CA THR A 312 -10.68 10.55 27.08
C THR A 312 -11.15 9.26 27.74
N ILE A 313 -11.95 8.48 27.02
CA ILE A 313 -12.51 7.24 27.56
C ILE A 313 -11.40 6.20 27.78
N ILE A 314 -10.48 6.08 26.80
CA ILE A 314 -9.41 5.09 26.92
C ILE A 314 -8.53 5.41 28.12
N LYS A 315 -8.17 6.69 28.29
CA LYS A 315 -7.28 7.06 29.40
C LYS A 315 -7.94 6.81 30.74
N ARG A 316 -9.27 6.86 30.81
CA ARG A 316 -10.03 6.47 31.99
C ARG A 316 -10.22 4.96 32.11
N GLY A 317 -9.77 4.19 31.13
CA GLY A 317 -9.81 2.74 31.22
C GLY A 317 -11.07 2.08 30.72
N GLY A 318 -11.81 2.71 29.81
CA GLY A 318 -13.05 2.16 29.31
C GLY A 318 -12.98 1.90 27.81
N LYS A 319 -13.99 1.19 27.31
CA LYS A 319 -14.17 0.90 25.89
C LYS A 319 -15.15 1.88 25.26
N ILE A 320 -14.99 2.10 23.96
CA ILE A 320 -15.96 2.87 23.18
C ILE A 320 -16.66 1.91 22.23
N ALA A 321 -17.98 1.93 22.25
CA ALA A 321 -18.77 1.17 21.29
C ALA A 321 -19.36 2.16 20.29
N VAL A 322 -19.07 1.95 19.01
CA VAL A 322 -19.50 2.85 17.94
C VAL A 322 -20.49 2.13 17.05
N HIS A 323 -21.61 2.78 16.74
CA HIS A 323 -22.51 2.21 15.75
C HIS A 323 -22.87 3.23 14.69
N SER A 324 -23.17 2.70 13.52
CA SER A 324 -23.86 3.44 12.47
C SER A 324 -25.13 2.65 12.20
N LYS A 325 -25.68 2.69 10.98
CA LYS A 325 -26.80 1.79 10.71
C LYS A 325 -26.33 0.34 10.68
N ALA A 326 -25.30 0.05 9.87
CA ALA A 326 -24.75 -1.30 9.79
C ALA A 326 -23.55 -1.53 10.70
N GLY A 327 -22.97 -0.48 11.26
CA GLY A 327 -21.74 -0.64 12.01
C GLY A 327 -20.53 -0.94 11.14
N LEU A 328 -20.53 -0.45 9.90
CA LEU A 328 -19.49 -0.84 8.95
C LEU A 328 -18.80 0.36 8.32
N GLY A 329 -19.59 1.29 7.80
CA GLY A 329 -19.05 2.30 6.93
C GLY A 329 -18.64 3.54 7.69
N ARG A 330 -19.64 4.31 8.14
CA ARG A 330 -19.34 5.47 9.00
C ARG A 330 -18.54 5.04 10.22
N THR A 331 -18.89 3.90 10.81
CA THR A 331 -18.14 3.39 11.95
C THR A 331 -16.69 3.09 11.56
N GLY A 332 -16.48 2.53 10.37
CA GLY A 332 -15.12 2.25 9.93
C GLY A 332 -14.30 3.51 9.73
N CYS A 333 -14.92 4.60 9.25
CA CYS A 333 -14.21 5.85 9.08
C CYS A 333 -13.61 6.34 10.39
N LEU A 334 -14.41 6.34 11.46
CA LEU A 334 -13.97 6.95 12.73
C LEU A 334 -13.04 6.03 13.49
N ILE A 335 -13.39 4.75 13.61
CA ILE A 335 -12.50 3.83 14.32
C ILE A 335 -11.20 3.66 13.53
N GLY A 336 -11.30 3.56 12.21
CA GLY A 336 -10.09 3.47 11.40
C GLY A 336 -9.17 4.66 11.59
N ALA A 337 -9.72 5.87 11.60
CA ALA A 337 -8.91 7.05 11.85
C ALA A 337 -8.20 6.96 13.19
N HIS A 338 -8.89 6.49 14.23
CA HIS A 338 -8.26 6.40 15.55
C HIS A 338 -7.16 5.35 15.56
N LEU A 339 -7.37 4.22 14.87
CA LEU A 339 -6.35 3.19 14.81
C LEU A 339 -5.10 3.70 14.09
N ILE A 340 -5.29 4.46 13.01
CA ILE A 340 -4.14 5.02 12.30
C ILE A 340 -3.42 6.03 13.17
N TYR A 341 -4.18 6.94 13.79
CA TYR A 341 -3.63 7.91 14.74
C TYR A 341 -2.82 7.24 15.84
N THR A 342 -3.33 6.12 16.38
CA THR A 342 -2.73 5.52 17.55
C THR A 342 -1.54 4.63 17.18
N TYR A 343 -1.70 3.80 16.15
CA TYR A 343 -0.76 2.72 15.89
C TYR A 343 0.00 2.82 14.57
N GLY A 344 -0.31 3.79 13.72
CA GLY A 344 0.48 3.97 12.52
C GLY A 344 0.23 2.99 11.39
N PHE A 345 -0.92 2.29 11.39
CA PHE A 345 -1.32 1.50 10.24
C PHE A 345 -1.33 2.36 8.99
N THR A 346 -0.98 1.75 7.84
CA THR A 346 -1.40 2.37 6.59
C THR A 346 -2.92 2.27 6.48
N ALA A 347 -3.50 3.06 5.59
CA ALA A 347 -4.94 2.95 5.40
C ALA A 347 -5.32 1.56 4.92
N ASN A 348 -4.54 0.98 4.00
CA ASN A 348 -4.88 -0.35 3.48
C ASN A 348 -4.77 -1.42 4.56
N GLU A 349 -3.72 -1.34 5.39
CA GLU A 349 -3.62 -2.27 6.54
C GLU A 349 -4.80 -2.11 7.48
N CYS A 350 -5.17 -0.86 7.77
CA CYS A 350 -6.27 -0.59 8.68
C CYS A 350 -7.56 -1.21 8.18
N ILE A 351 -7.86 -1.00 6.89
CA ILE A 351 -9.04 -1.63 6.29
C ILE A 351 -8.93 -3.15 6.36
N GLY A 352 -7.75 -3.69 6.07
CA GLY A 352 -7.57 -5.13 6.12
C GLY A 352 -7.77 -5.68 7.52
N PHE A 353 -7.16 -5.03 8.52
CA PHE A 353 -7.33 -5.49 9.89
C PHE A 353 -8.79 -5.39 10.33
N LEU A 354 -9.44 -4.26 10.06
CA LEU A 354 -10.84 -4.09 10.45
C LEU A 354 -11.72 -5.18 9.84
N ARG A 355 -11.53 -5.50 8.56
CA ARG A 355 -12.36 -6.51 7.92
C ARG A 355 -12.01 -7.92 8.37
N PHE A 356 -10.77 -8.13 8.80
CA PHE A 356 -10.41 -9.41 9.39
C PHE A 356 -11.20 -9.68 10.67
N ILE A 357 -11.55 -8.64 11.43
CA ILE A 357 -12.39 -8.85 12.61
C ILE A 357 -13.88 -8.72 12.28
N ARG A 358 -14.24 -7.74 11.46
CA ARG A 358 -15.65 -7.46 11.13
C ARG A 358 -15.73 -7.24 9.62
N PRO A 359 -16.10 -8.27 8.86
CA PRO A 359 -16.11 -8.10 7.39
C PRO A 359 -16.96 -6.92 6.95
N GLY A 360 -16.52 -6.27 5.88
CA GLY A 360 -17.32 -5.25 5.25
C GLY A 360 -17.11 -3.84 5.76
N MET A 361 -16.22 -3.63 6.74
CA MET A 361 -15.99 -2.27 7.25
C MET A 361 -15.32 -1.39 6.20
N VAL A 362 -15.71 -0.11 6.19
CA VAL A 362 -15.21 0.96 5.31
C VAL A 362 -15.72 0.72 3.89
N VAL A 363 -16.73 1.49 3.49
CA VAL A 363 -17.58 1.17 2.34
C VAL A 363 -17.37 2.20 1.22
N GLY A 364 -17.17 1.71 0.01
CA GLY A 364 -17.17 2.57 -1.17
C GLY A 364 -16.16 3.70 -1.10
N PRO A 365 -16.62 4.93 -1.29
CA PRO A 365 -15.67 6.06 -1.29
C PRO A 365 -14.97 6.30 0.04
N GLN A 366 -15.51 5.78 1.16
CA GLN A 366 -14.80 5.91 2.44
C GLN A 366 -13.42 5.24 2.40
N GLN A 367 -13.22 4.29 1.48
CA GLN A 367 -11.89 3.68 1.37
C GLN A 367 -10.88 4.69 0.84
N HIS A 368 -11.22 5.36 -0.26
CA HIS A 368 -10.32 6.37 -0.80
C HIS A 368 -10.17 7.53 0.17
N TRP A 369 -11.22 7.84 0.93
CA TRP A 369 -11.13 8.90 1.93
C TRP A 369 -10.12 8.55 3.00
N LEU A 370 -10.20 7.34 3.56
CA LEU A 370 -9.24 6.92 4.56
C LEU A 370 -7.83 6.90 3.99
N TYR A 371 -7.70 6.45 2.74
CA TYR A 371 -6.41 6.42 2.07
C TYR A 371 -5.83 7.83 1.94
N LEU A 372 -6.65 8.79 1.56
CA LEU A 372 -6.13 10.14 1.30
C LEU A 372 -5.90 10.94 2.58
N HIS A 373 -6.51 10.55 3.71
CA HIS A 373 -6.35 11.29 4.95
C HIS A 373 -5.49 10.58 6.00
N GLN A 374 -4.90 9.44 5.66
CA GLN A 374 -4.14 8.71 6.67
C GLN A 374 -2.98 9.54 7.22
N ASN A 375 -2.38 10.41 6.40
CA ASN A 375 -1.30 11.25 6.93
C ASN A 375 -1.82 12.26 7.93
N ASP A 376 -3.01 12.81 7.68
CA ASP A 376 -3.63 13.73 8.64
C ASP A 376 -3.80 13.08 10.01
N PHE A 377 -4.37 11.87 10.03
CA PHE A 377 -4.61 11.19 11.31
C PHE A 377 -3.31 10.95 12.06
N ARG A 378 -2.28 10.47 11.35
CA ARG A 378 -0.97 10.26 11.98
C ARG A 378 -0.37 11.57 12.47
N GLU A 379 -0.51 12.63 11.67
CA GLU A 379 0.11 13.92 11.99
C GLU A 379 -0.46 14.52 13.27
N TRP A 380 -1.73 14.21 13.59
CA TRP A 380 -2.38 14.76 14.77
C TRP A 380 -1.65 14.40 16.06
N LYS A 381 -0.89 13.31 16.07
CA LYS A 381 -0.11 12.96 17.25
C LYS A 381 0.92 14.04 17.59
N TYR A 382 1.41 14.76 16.59
CA TYR A 382 2.41 15.81 16.79
C TYR A 382 1.84 17.21 16.74
N THR A 383 0.71 17.43 16.08
CA THR A 383 0.16 18.77 15.95
C THR A 383 -0.97 19.07 16.92
N THR A 384 -1.50 18.07 17.63
CA THR A 384 -2.60 18.29 18.56
C THR A 384 -2.25 17.72 19.94
N ARG A 385 -3.07 18.11 20.91
CA ARG A 385 -3.01 17.57 22.27
C ARG A 385 -4.43 17.34 22.76
N ILE A 386 -4.57 16.44 23.74
CA ILE A 386 -5.83 16.35 24.46
C ILE A 386 -5.99 17.59 25.32
N SER A 387 -7.03 18.38 25.04
CA SER A 387 -7.33 19.55 25.82
C SER A 387 -7.66 19.18 27.27
N LEU A 388 -7.46 20.13 28.18
CA LEU A 388 -7.89 19.95 29.55
C LEU A 388 -9.19 20.68 29.85
N LYS A 389 -9.77 21.37 28.87
CA LYS A 389 -11.14 21.83 29.09
C LYS A 389 -12.14 20.88 28.44
N PRO A 390 -13.22 20.52 29.13
CA PRO A 390 -14.25 19.69 28.51
C PRO A 390 -14.97 20.45 27.41
N SER A 391 -15.58 19.70 26.50
CA SER A 391 -16.26 20.26 25.35
C SER A 391 -17.70 19.78 25.28
N GLU A 392 -18.62 20.74 25.17
CA GLU A 392 -20.04 20.41 24.99
C GLU A 392 -20.28 19.61 23.72
N ALA A 393 -19.44 19.77 22.70
CA ALA A 393 -19.65 19.06 21.44
C ALA A 393 -19.46 17.54 21.59
N ILE A 394 -18.69 17.09 22.57
CA ILE A 394 -18.54 15.66 22.79
C ILE A 394 -18.97 15.29 24.21
N GLY A 395 -20.06 15.90 24.67
CA GLY A 395 -20.66 15.53 25.94
C GLY A 395 -19.76 15.70 27.14
N GLY A 396 -18.97 16.77 27.18
CA GLY A 396 -18.08 17.01 28.30
C GLY A 396 -16.76 16.25 28.26
N LEU A 397 -16.50 15.46 27.21
CA LEU A 397 -15.21 14.83 27.08
C LEU A 397 -14.19 15.84 26.54
N TYR A 398 -12.94 15.42 26.37
CA TYR A 398 -11.89 16.37 26.03
C TYR A 398 -11.53 16.24 24.55
N PRO A 399 -11.64 17.31 23.76
CA PRO A 399 -11.36 17.22 22.33
C PRO A 399 -9.88 17.47 22.03
N LEU A 400 -9.51 17.18 20.78
CA LEU A 400 -8.19 17.52 20.29
C LEU A 400 -8.11 19.02 20.02
N ILE A 401 -7.05 19.65 20.49
CA ILE A 401 -6.79 21.06 20.22
C ILE A 401 -5.34 21.23 19.81
N SER A 402 -5.08 22.26 19.03
CA SER A 402 -3.75 22.46 18.50
C SER A 402 -2.75 22.71 19.63
N LEU A 403 -1.47 22.73 19.25
CA LEU A 403 -0.42 23.05 20.21
C LEU A 403 -0.57 24.47 20.74
N GLU A 404 -1.13 25.36 19.92
CA GLU A 404 -1.29 26.76 20.33
C GLU A 404 -2.28 26.89 21.48
N GLU A 405 -3.54 26.48 21.25
CA GLU A 405 -4.55 26.56 22.30
C GLU A 405 -4.18 25.74 23.53
N TYR A 406 -3.27 24.76 23.38
CA TYR A 406 -2.81 24.01 24.54
C TYR A 406 -1.85 24.83 25.39
N ARG A 407 -1.01 25.65 24.74
CA ARG A 407 -0.10 26.51 25.48
C ARG A 407 -0.87 27.58 26.26
N LEU A 408 -1.93 28.11 25.66
CA LEU A 408 -2.76 29.11 26.34
C LEU A 408 -3.37 28.54 27.62
N GLN A 409 -3.86 27.30 27.57
CA GLN A 409 -4.46 26.65 28.72
C GLN A 409 -3.48 26.54 29.89
N GLN B 39 -17.42 12.16 -29.01
CA GLN B 39 -17.28 11.43 -30.26
C GLN B 39 -17.14 9.93 -30.00
N GLY B 40 -17.39 9.13 -31.04
CA GLY B 40 -17.27 7.68 -30.91
C GLY B 40 -18.37 6.91 -31.59
N SER B 41 -18.64 5.69 -31.11
CA SER B 41 -19.66 4.83 -31.69
C SER B 41 -20.89 4.82 -30.80
N MET B 42 -22.05 5.05 -31.41
CA MET B 42 -23.31 5.05 -30.68
C MET B 42 -23.88 3.64 -30.58
N ASN B 50 -13.70 -9.67 -23.36
CA ASN B 50 -12.34 -9.36 -22.93
C ASN B 50 -11.99 -7.91 -23.24
N THR B 51 -12.87 -7.00 -22.80
CA THR B 51 -12.74 -5.58 -23.09
C THR B 51 -13.32 -4.74 -21.96
N ILE B 52 -12.51 -3.82 -21.44
CA ILE B 52 -12.88 -2.96 -20.33
C ILE B 52 -13.22 -1.58 -20.88
N GLU B 53 -14.32 -0.99 -20.40
CA GLU B 53 -14.78 0.31 -20.85
C GLU B 53 -14.19 1.42 -19.99
N PHE B 54 -13.50 2.38 -20.63
CA PHE B 54 -13.05 3.60 -19.95
C PHE B 54 -13.91 4.81 -20.27
N LEU B 55 -14.30 4.98 -21.54
CA LEU B 55 -15.23 6.04 -21.94
C LEU B 55 -16.24 5.41 -22.88
N ARG B 56 -17.52 5.48 -22.52
CA ARG B 56 -18.57 4.79 -23.28
C ARG B 56 -18.49 5.15 -24.76
N GLY B 57 -18.31 4.14 -25.59
CA GLY B 57 -18.29 4.31 -27.03
C GLY B 57 -17.07 5.00 -27.60
N ARG B 58 -16.01 5.17 -26.82
CA ARG B 58 -14.87 5.92 -27.34
C ARG B 58 -13.51 5.33 -26.93
N VAL B 59 -13.38 4.83 -25.70
CA VAL B 59 -12.09 4.32 -25.23
C VAL B 59 -12.30 3.02 -24.46
N TYR B 60 -11.74 1.93 -24.98
CA TYR B 60 -11.84 0.61 -24.40
C TYR B 60 -10.46 -0.02 -24.29
N LEU B 61 -10.33 -0.96 -23.36
CA LEU B 61 -9.07 -1.68 -23.11
C LEU B 61 -9.31 -3.16 -23.33
N GLY B 62 -8.57 -3.75 -24.28
CA GLY B 62 -8.74 -5.14 -24.64
C GLY B 62 -7.46 -5.96 -24.48
N ALA B 63 -7.63 -7.27 -24.58
CA ALA B 63 -6.51 -8.22 -24.53
C ALA B 63 -6.77 -9.31 -25.54
N TYR B 64 -5.90 -9.43 -26.54
CA TYR B 64 -6.05 -10.41 -27.62
C TYR B 64 -4.69 -10.98 -27.99
N ASP B 65 -4.63 -12.30 -28.17
CA ASP B 65 -3.45 -12.96 -28.72
C ASP B 65 -3.51 -13.05 -30.24
N TYR B 66 -4.32 -12.21 -30.88
CA TYR B 66 -4.39 -12.11 -32.33
C TYR B 66 -4.55 -10.63 -32.68
N THR B 67 -4.59 -10.35 -33.98
CA THR B 67 -4.79 -8.98 -34.43
C THR B 67 -6.25 -8.78 -34.80
N PRO B 68 -7.04 -8.08 -33.98
CA PRO B 68 -8.45 -7.86 -34.34
C PRO B 68 -8.59 -6.98 -35.56
N GLU B 69 -9.75 -7.11 -36.22
CA GLU B 69 -10.02 -6.41 -37.46
C GLU B 69 -10.75 -5.11 -37.18
N ASP B 70 -10.23 -4.00 -37.70
CA ASP B 70 -10.95 -2.74 -37.60
C ASP B 70 -12.24 -2.84 -38.40
N THR B 71 -13.29 -2.20 -37.89
CA THR B 71 -14.57 -2.14 -38.57
C THR B 71 -14.96 -0.67 -38.71
N ASP B 72 -16.16 -0.43 -39.24
CA ASP B 72 -16.65 0.92 -39.33
C ASP B 72 -17.13 1.47 -37.99
N GLU B 73 -17.15 0.63 -36.94
CA GLU B 73 -17.50 1.09 -35.60
C GLU B 73 -16.34 1.01 -34.61
N LEU B 74 -15.30 0.24 -34.92
CA LEU B 74 -14.20 -0.03 -34.00
C LEU B 74 -12.88 0.23 -34.70
N VAL B 75 -11.91 0.76 -33.96
CA VAL B 75 -10.51 0.78 -34.39
C VAL B 75 -9.65 0.28 -33.24
N PHE B 76 -8.84 -0.73 -33.52
CA PHE B 76 -7.97 -1.37 -32.53
C PHE B 76 -6.52 -0.92 -32.73
N PHE B 77 -5.77 -0.85 -31.64
CA PHE B 77 -4.35 -0.60 -31.76
C PHE B 77 -3.62 -1.15 -30.54
N THR B 78 -2.42 -1.62 -30.78
CA THR B 78 -1.49 -2.11 -29.76
C THR B 78 -0.14 -1.46 -29.99
N VAL B 79 0.61 -1.25 -28.91
CA VAL B 79 1.95 -0.70 -29.03
C VAL B 79 3.02 -1.67 -28.56
N GLU B 80 2.63 -2.93 -28.33
CA GLU B 80 3.49 -3.90 -27.66
C GLU B 80 4.80 -4.14 -28.41
N ASP B 81 4.78 -4.08 -29.74
CA ASP B 81 5.97 -4.41 -30.50
C ASP B 81 7.02 -3.31 -30.44
N ALA B 82 6.61 -2.05 -30.41
CA ALA B 82 7.54 -0.94 -30.44
C ALA B 82 7.83 -0.34 -29.06
N ILE B 83 6.86 -0.39 -28.15
CA ILE B 83 6.98 0.20 -26.82
C ILE B 83 6.95 -0.95 -25.83
N PHE B 84 8.12 -1.31 -25.30
CA PHE B 84 8.24 -2.49 -24.47
C PHE B 84 9.21 -2.25 -23.32
N TYR B 85 8.99 -2.98 -22.24
CA TYR B 85 9.79 -2.87 -21.03
C TYR B 85 11.01 -3.75 -21.11
N ASN B 86 12.16 -3.21 -20.71
CA ASN B 86 13.44 -3.92 -20.72
C ASN B 86 13.71 -4.43 -19.30
N SER B 87 13.54 -5.74 -19.10
CA SER B 87 13.65 -6.34 -17.78
C SER B 87 15.09 -6.42 -17.29
N PHE B 88 15.30 -6.09 -16.01
CA PHE B 88 16.57 -6.43 -15.36
C PHE B 88 16.65 -7.92 -15.08
N HIS B 89 15.56 -8.49 -14.57
CA HIS B 89 15.51 -9.91 -14.28
C HIS B 89 14.09 -10.43 -14.52
N LEU B 90 13.24 -10.44 -13.50
CA LEU B 90 11.86 -10.89 -13.66
C LEU B 90 10.86 -9.76 -13.43
N ASP B 91 11.33 -8.56 -13.07
CA ASP B 91 10.52 -7.36 -13.25
C ASP B 91 10.05 -7.28 -14.70
N PHE B 92 8.82 -6.78 -14.88
CA PHE B 92 8.21 -6.73 -16.21
C PHE B 92 7.50 -5.40 -16.47
N GLY B 93 7.43 -4.52 -15.47
CA GLY B 93 6.73 -3.26 -15.57
C GLY B 93 6.78 -2.57 -14.22
N PRO B 94 6.09 -1.43 -14.08
CA PRO B 94 5.21 -0.78 -15.05
C PRO B 94 5.99 -0.08 -16.17
N MET B 95 5.27 0.29 -17.22
CA MET B 95 5.88 1.06 -18.29
C MET B 95 6.29 2.42 -17.72
N ASN B 96 7.38 2.99 -18.27
CA ASN B 96 7.92 4.21 -17.71
C ASN B 96 7.36 5.46 -18.41
N ILE B 97 7.80 6.63 -17.95
CA ILE B 97 7.21 7.89 -18.41
C ILE B 97 7.53 8.12 -19.89
N GLY B 98 8.68 7.65 -20.36
CA GLY B 98 8.98 7.74 -21.78
C GLY B 98 8.07 6.87 -22.63
N HIS B 99 7.84 5.63 -22.19
CA HIS B 99 6.86 4.77 -22.85
C HIS B 99 5.50 5.45 -22.91
N LEU B 100 5.07 6.02 -21.77
CA LEU B 100 3.76 6.67 -21.70
C LEU B 100 3.68 7.83 -22.66
N TYR B 101 4.74 8.64 -22.73
CA TYR B 101 4.76 9.77 -23.65
C TYR B 101 4.60 9.31 -25.09
N ARG B 102 5.34 8.28 -25.49
CA ARG B 102 5.21 7.74 -26.85
C ARG B 102 3.82 7.15 -27.09
N PHE B 103 3.27 6.45 -26.09
CA PHE B 103 1.90 5.95 -26.22
C PHE B 103 0.91 7.09 -26.43
N ALA B 104 1.08 8.19 -25.69
CA ALA B 104 0.11 9.29 -25.78
C ALA B 104 0.12 9.89 -27.19
N VAL B 105 1.29 10.08 -27.76
CA VAL B 105 1.38 10.59 -29.13
C VAL B 105 0.66 9.66 -30.10
N ILE B 106 0.86 8.35 -29.96
CA ILE B 106 0.20 7.39 -30.84
C ILE B 106 -1.30 7.40 -30.61
N PHE B 107 -1.72 7.49 -29.34
CA PHE B 107 -3.13 7.51 -28.99
C PHE B 107 -3.82 8.74 -29.58
N HIS B 108 -3.19 9.90 -29.41
CA HIS B 108 -3.78 11.14 -29.91
C HIS B 108 -3.88 11.13 -31.44
N GLU B 109 -2.89 10.56 -32.11
CA GLU B 109 -2.94 10.47 -33.56
C GLU B 109 -4.13 9.65 -34.02
N ILE B 110 -4.43 8.56 -33.30
CA ILE B 110 -5.58 7.75 -33.65
C ILE B 110 -6.89 8.49 -33.33
N LEU B 111 -6.95 9.15 -32.18
CA LEU B 111 -8.15 9.90 -31.81
C LEU B 111 -8.42 11.03 -32.81
N ASN B 112 -7.37 11.69 -33.28
CA ASN B 112 -7.51 12.86 -34.13
C ASN B 112 -7.67 12.51 -35.61
N ASP B 113 -7.56 11.24 -35.97
CA ASP B 113 -7.79 10.82 -37.34
C ASP B 113 -9.27 11.01 -37.68
N PRO B 114 -9.61 11.84 -38.67
CA PRO B 114 -11.03 12.00 -39.03
C PRO B 114 -11.69 10.68 -39.41
N GLU B 115 -10.92 9.74 -39.95
CA GLU B 115 -11.45 8.41 -40.23
C GLU B 115 -11.98 7.72 -38.99
N ASN B 116 -11.51 8.12 -37.80
CA ASN B 116 -11.92 7.49 -36.55
C ASN B 116 -12.94 8.32 -35.78
N ALA B 117 -13.53 9.35 -36.42
CA ALA B 117 -14.36 10.28 -35.69
C ALA B 117 -15.59 9.61 -35.08
N ASN B 118 -16.08 8.54 -35.70
CA ASN B 118 -17.30 7.88 -35.25
C ASN B 118 -17.04 6.43 -34.84
N LYS B 119 -15.85 6.15 -34.31
CA LYS B 119 -15.47 4.81 -33.89
C LYS B 119 -15.12 4.81 -32.40
N ALA B 120 -15.27 3.63 -31.80
CA ALA B 120 -14.70 3.37 -30.49
C ALA B 120 -13.26 2.89 -30.65
N VAL B 121 -12.35 3.45 -29.87
CA VAL B 121 -10.94 3.08 -29.92
C VAL B 121 -10.68 2.01 -28.86
N VAL B 122 -10.12 0.88 -29.28
CA VAL B 122 -9.81 -0.21 -28.38
C VAL B 122 -8.28 -0.37 -28.34
N PHE B 123 -7.68 0.12 -27.27
CA PHE B 123 -6.27 -0.15 -27.00
C PHE B 123 -6.15 -1.56 -26.42
N TYR B 124 -5.21 -2.34 -26.95
CA TYR B 124 -5.12 -3.72 -26.48
C TYR B 124 -3.67 -4.17 -26.35
N SER B 125 -3.51 -5.22 -25.56
CA SER B 125 -2.28 -5.95 -25.36
C SER B 125 -2.52 -7.41 -25.72
N SER B 126 -1.44 -8.20 -25.71
CA SER B 126 -1.58 -9.64 -25.68
C SER B 126 -2.20 -10.05 -24.33
N ALA B 127 -2.50 -11.34 -24.19
CA ALA B 127 -3.38 -11.80 -23.12
C ALA B 127 -2.66 -12.24 -21.85
N SER B 128 -1.34 -12.10 -21.77
CA SER B 128 -0.70 -12.52 -20.52
C SER B 128 -1.06 -11.53 -19.41
N THR B 129 -1.07 -12.04 -18.17
CA THR B 129 -1.41 -11.17 -17.04
C THR B 129 -0.38 -10.05 -16.86
N ARG B 130 0.86 -10.28 -17.27
CA ARG B 130 1.89 -9.25 -17.18
C ARG B 130 1.69 -8.15 -18.21
N GLN B 131 1.47 -8.54 -19.47
CA GLN B 131 1.29 -7.52 -20.49
C GLN B 131 -0.03 -6.77 -20.31
N ARG B 132 -1.06 -7.44 -19.80
CA ARG B 132 -2.30 -6.74 -19.50
C ARG B 132 -2.10 -5.72 -18.39
N ALA B 133 -1.32 -6.08 -17.37
CA ALA B 133 -1.04 -5.11 -16.29
C ALA B 133 -0.31 -3.90 -16.84
N ASN B 134 0.64 -4.13 -17.75
CA ASN B 134 1.37 -3.00 -18.34
C ASN B 134 0.44 -2.08 -19.11
N ALA B 135 -0.40 -2.63 -19.98
CA ALA B 135 -1.25 -1.78 -20.81
C ALA B 135 -2.28 -1.04 -19.96
N ALA B 136 -2.87 -1.74 -18.99
CA ALA B 136 -3.87 -1.11 -18.13
C ALA B 136 -3.24 0.02 -17.33
N CYS B 137 -2.07 -0.24 -16.73
CA CYS B 137 -1.42 0.78 -15.93
C CYS B 137 -0.97 1.96 -16.78
N MET B 138 -0.45 1.71 -17.97
CA MET B 138 -0.08 2.81 -18.84
C MET B 138 -1.29 3.64 -19.25
N LEU B 139 -2.41 2.98 -19.58
CA LEU B 139 -3.61 3.74 -19.93
C LEU B 139 -4.11 4.56 -18.73
N CYS B 140 -4.02 4.00 -17.52
CA CYS B 140 -4.38 4.76 -16.34
C CYS B 140 -3.47 5.97 -16.16
N CYS B 141 -2.17 5.77 -16.32
CA CYS B 141 -1.25 6.89 -16.18
C CYS B 141 -1.51 7.95 -17.24
N TYR B 142 -1.90 7.55 -18.45
CA TYR B 142 -2.29 8.53 -19.45
C TYR B 142 -3.47 9.37 -18.97
N MET B 143 -4.51 8.73 -18.44
CA MET B 143 -5.70 9.49 -18.02
C MET B 143 -5.36 10.43 -16.86
N ILE B 144 -4.51 9.97 -15.94
CA ILE B 144 -4.08 10.80 -14.83
C ILE B 144 -3.29 12.02 -15.32
N LEU B 145 -2.30 11.79 -16.19
CA LEU B 145 -1.34 12.83 -16.51
C LEU B 145 -1.79 13.75 -17.65
N VAL B 146 -2.51 13.22 -18.63
CA VAL B 146 -2.91 14.00 -19.80
C VAL B 146 -4.34 14.49 -19.69
N GLN B 147 -5.23 13.71 -19.07
CA GLN B 147 -6.64 14.05 -19.04
C GLN B 147 -7.14 14.46 -17.66
N ALA B 148 -6.24 14.54 -16.67
CA ALA B 148 -6.56 15.03 -15.33
C ALA B 148 -7.63 14.20 -14.63
N TRP B 149 -7.73 12.91 -14.97
CA TRP B 149 -8.62 12.04 -14.21
C TRP B 149 -8.07 11.85 -12.80
N THR B 150 -8.96 11.47 -11.85
CA THR B 150 -8.52 11.16 -10.49
C THR B 150 -8.32 9.66 -10.32
N PRO B 151 -7.59 9.23 -9.29
CA PRO B 151 -7.34 7.79 -9.14
C PRO B 151 -8.59 6.93 -9.12
N HIS B 152 -9.61 7.32 -8.37
CA HIS B 152 -10.79 6.45 -8.32
C HIS B 152 -11.48 6.38 -9.68
N GLN B 153 -11.31 7.39 -10.54
CA GLN B 153 -11.90 7.35 -11.87
C GLN B 153 -11.18 6.35 -12.78
N VAL B 154 -9.84 6.32 -12.74
CA VAL B 154 -9.14 5.41 -13.62
C VAL B 154 -9.12 3.99 -13.07
N LEU B 155 -9.32 3.82 -11.75
CA LEU B 155 -9.24 2.49 -11.16
C LEU B 155 -10.55 1.73 -11.23
N GLN B 156 -11.69 2.43 -11.25
CA GLN B 156 -12.98 1.74 -11.31
C GLN B 156 -13.11 0.76 -12.47
N PRO B 157 -12.73 1.09 -13.71
CA PRO B 157 -12.81 0.08 -14.79
C PRO B 157 -11.95 -1.15 -14.55
N LEU B 158 -10.88 -1.06 -13.76
CA LEU B 158 -9.94 -2.16 -13.58
C LEU B 158 -10.26 -3.05 -12.39
N ALA B 159 -11.13 -2.60 -11.49
CA ALA B 159 -11.36 -3.33 -10.24
C ALA B 159 -12.05 -4.66 -10.53
N GLN B 160 -11.54 -5.74 -9.93
CA GLN B 160 -12.16 -7.06 -9.92
C GLN B 160 -12.22 -7.69 -11.32
N VAL B 161 -11.30 -7.35 -12.19
CA VAL B 161 -11.19 -8.02 -13.48
C VAL B 161 -10.67 -9.45 -13.26
N ASP B 162 -11.27 -10.42 -13.96
CA ASP B 162 -10.84 -11.82 -13.91
C ASP B 162 -10.43 -12.22 -15.32
N PRO B 163 -9.21 -12.73 -15.55
CA PRO B 163 -8.20 -12.93 -14.51
C PRO B 163 -7.57 -11.61 -14.09
N PRO B 164 -7.11 -11.53 -12.84
CA PRO B 164 -6.52 -10.29 -12.34
C PRO B 164 -5.23 -9.94 -13.07
N PHE B 165 -4.83 -8.68 -12.94
CA PHE B 165 -3.54 -8.25 -13.46
C PHE B 165 -2.42 -8.76 -12.57
N MET B 166 -1.28 -9.08 -13.18
CA MET B 166 -0.11 -9.49 -12.41
C MET B 166 0.41 -8.28 -11.63
N PRO B 167 0.52 -8.35 -10.30
CA PRO B 167 1.16 -7.26 -9.56
C PRO B 167 2.62 -7.09 -9.95
N PHE B 168 3.13 -5.86 -9.77
CA PHE B 168 4.50 -5.56 -10.18
C PHE B 168 5.50 -5.97 -9.10
N ARG B 169 6.59 -6.61 -9.52
CA ARG B 169 7.68 -7.03 -8.64
C ARG B 169 8.93 -6.19 -8.90
N ASP B 170 9.91 -6.34 -8.01
CA ASP B 170 11.17 -5.62 -8.06
C ASP B 170 12.11 -6.22 -9.11
N ALA B 171 13.27 -5.59 -9.26
CA ALA B 171 14.25 -5.95 -10.29
C ALA B 171 15.37 -6.84 -9.76
N GLY B 172 15.29 -7.27 -8.49
CA GLY B 172 16.37 -8.04 -7.91
C GLY B 172 16.33 -9.50 -8.32
N TYR B 173 17.37 -10.22 -7.91
CA TYR B 173 17.51 -11.61 -8.33
C TYR B 173 16.83 -12.60 -7.40
N SER B 174 16.63 -12.23 -6.14
CA SER B 174 15.98 -13.12 -5.18
C SER B 174 14.51 -13.28 -5.52
N ASN B 175 13.91 -14.36 -4.98
CA ASN B 175 12.48 -14.57 -5.12
C ASN B 175 11.72 -13.33 -4.67
N ALA B 176 10.69 -12.97 -5.43
CA ALA B 176 9.86 -11.83 -5.08
C ALA B 176 9.18 -12.06 -3.75
N ASP B 177 9.04 -10.99 -2.95
CA ASP B 177 8.33 -11.10 -1.68
C ASP B 177 7.58 -9.81 -1.35
N PHE B 178 7.41 -8.93 -2.32
CA PHE B 178 6.78 -7.63 -2.12
C PHE B 178 6.24 -7.22 -3.47
N GLU B 179 4.99 -6.78 -3.52
CA GLU B 179 4.37 -6.40 -4.77
C GLU B 179 3.78 -5.01 -4.64
N ILE B 180 3.77 -4.27 -5.75
CA ILE B 180 2.97 -3.06 -5.81
C ILE B 180 1.95 -3.22 -6.92
N THR B 181 0.83 -2.50 -6.80
CA THR B 181 -0.32 -2.71 -7.66
C THR B 181 -0.52 -1.52 -8.58
N ILE B 182 -1.41 -1.68 -9.56
CA ILE B 182 -1.77 -0.54 -10.39
C ILE B 182 -2.33 0.58 -9.53
N GLN B 183 -3.09 0.23 -8.49
CA GLN B 183 -3.56 1.24 -7.54
C GLN B 183 -2.42 2.01 -6.91
N ASP B 184 -1.35 1.31 -6.50
CA ASP B 184 -0.19 1.99 -5.94
C ASP B 184 0.46 2.93 -6.96
N VAL B 185 0.67 2.43 -8.18
CA VAL B 185 1.36 3.23 -9.19
C VAL B 185 0.53 4.43 -9.59
N VAL B 186 -0.78 4.23 -9.77
CA VAL B 186 -1.68 5.33 -10.14
C VAL B 186 -1.68 6.41 -9.06
N TYR B 187 -1.82 6.01 -7.80
CA TYR B 187 -1.85 7.01 -6.73
C TYR B 187 -0.52 7.74 -6.62
N GLY B 188 0.59 7.05 -6.85
CA GLY B 188 1.89 7.68 -6.74
C GLY B 188 2.16 8.65 -7.88
N VAL B 189 1.81 8.25 -9.10
CA VAL B 189 1.97 9.14 -10.26
C VAL B 189 1.03 10.33 -10.14
N TRP B 190 -0.19 10.10 -9.65
CA TRP B 190 -1.13 11.20 -9.43
C TRP B 190 -0.61 12.16 -8.35
N ARG B 191 -0.14 11.62 -7.22
CA ARG B 191 0.38 12.51 -6.18
C ARG B 191 1.61 13.28 -6.67
N ALA B 192 2.50 12.61 -7.40
CA ALA B 192 3.66 13.31 -7.95
C ALA B 192 3.23 14.42 -8.90
N LYS B 193 2.24 14.16 -9.76
CA LYS B 193 1.71 15.22 -10.61
C LYS B 193 1.13 16.36 -9.77
N GLU B 194 0.36 16.03 -8.73
CA GLU B 194 -0.24 17.05 -7.88
C GLU B 194 0.82 17.89 -7.16
N LYS B 195 1.95 17.31 -6.83
CA LYS B 195 3.01 18.05 -6.15
C LYS B 195 3.96 18.76 -7.11
N GLY B 196 3.69 18.71 -8.42
CA GLY B 196 4.52 19.39 -9.39
C GLY B 196 5.77 18.65 -9.78
N LEU B 197 5.83 17.35 -9.56
CA LEU B 197 7.02 16.56 -9.86
C LEU B 197 7.02 15.96 -11.25
N ILE B 198 5.85 15.88 -11.88
CA ILE B 198 5.70 15.42 -13.25
C ILE B 198 4.98 16.51 -14.02
N ASP B 199 5.49 16.84 -15.20
CA ASP B 199 4.88 17.84 -16.07
C ASP B 199 5.15 17.39 -17.50
N LEU B 200 4.20 16.63 -18.07
CA LEU B 200 4.38 16.09 -19.40
C LEU B 200 4.50 17.17 -20.46
N HIS B 201 4.03 18.39 -20.17
CA HIS B 201 4.13 19.47 -21.15
C HIS B 201 5.55 20.01 -21.27
N SER B 202 6.38 19.84 -20.25
CA SER B 202 7.79 20.19 -20.35
C SER B 202 8.69 18.97 -20.48
N PHE B 203 8.12 17.76 -20.50
CA PHE B 203 8.93 16.55 -20.58
C PHE B 203 9.67 16.46 -21.91
N ASN B 204 10.98 16.19 -21.85
CA ASN B 204 11.86 16.12 -23.01
C ASN B 204 12.16 14.64 -23.28
N LEU B 205 11.44 14.03 -24.25
CA LEU B 205 11.62 12.61 -24.50
C LEU B 205 13.03 12.31 -25.02
N GLU B 206 13.58 13.18 -25.87
CA GLU B 206 14.92 12.93 -26.40
C GLU B 206 15.96 12.87 -25.30
N SER B 207 15.91 13.82 -24.36
CA SER B 207 16.88 13.81 -23.27
C SER B 207 16.66 12.62 -22.35
N TYR B 208 15.39 12.31 -22.05
CA TYR B 208 15.08 11.15 -21.21
C TYR B 208 15.68 9.88 -21.80
N GLU B 209 15.43 9.63 -23.09
CA GLU B 209 15.89 8.40 -23.70
C GLU B 209 17.41 8.39 -23.87
N LYS B 210 18.02 9.54 -24.14
CA LYS B 210 19.47 9.58 -24.28
C LYS B 210 20.16 9.14 -23.00
N TYR B 211 19.88 9.83 -21.90
CA TYR B 211 20.69 9.66 -20.72
C TYR B 211 20.38 8.38 -19.96
N GLU B 212 19.27 7.71 -20.25
CA GLU B 212 19.04 6.39 -19.69
C GLU B 212 20.06 5.36 -20.18
N HIS B 213 20.74 5.62 -21.32
CA HIS B 213 21.68 4.66 -21.90
C HIS B 213 22.99 4.62 -21.12
N VAL B 214 23.56 3.42 -21.00
CA VAL B 214 24.84 3.26 -20.29
C VAL B 214 25.91 4.18 -20.86
N GLU B 215 25.98 4.29 -22.19
CA GLU B 215 27.05 5.08 -22.78
C GLU B 215 26.94 6.59 -22.54
N PHE B 216 25.79 7.08 -22.06
CA PHE B 216 25.63 8.49 -21.74
C PHE B 216 25.47 8.74 -20.23
N GLY B 217 25.64 7.71 -19.41
CA GLY B 217 25.71 7.88 -17.97
C GLY B 217 24.68 7.12 -17.17
N ASP B 218 23.68 6.52 -17.81
CA ASP B 218 22.63 5.75 -17.13
C ASP B 218 22.08 6.52 -15.93
N PHE B 219 21.38 7.61 -16.24
CA PHE B 219 20.75 8.39 -15.19
C PHE B 219 19.39 8.88 -15.65
N ASN B 220 18.58 9.27 -14.66
CA ASN B 220 17.30 9.93 -14.87
C ASN B 220 17.21 11.11 -13.91
N VAL B 221 16.77 12.25 -14.42
CA VAL B 221 16.24 13.31 -13.56
C VAL B 221 14.90 12.81 -13.02
N LEU B 222 14.82 12.59 -11.71
CA LEU B 222 13.60 12.03 -11.12
C LEU B 222 12.56 13.09 -10.79
N THR B 223 13.02 14.22 -10.23
CA THR B 223 12.19 15.36 -9.84
C THR B 223 13.00 16.62 -10.11
N PRO B 224 12.43 17.82 -9.94
CA PRO B 224 13.26 19.04 -10.03
C PRO B 224 14.42 19.07 -9.05
N ASP B 225 14.41 18.22 -8.02
CA ASP B 225 15.46 18.26 -7.01
C ASP B 225 16.49 17.15 -7.13
N PHE B 226 16.17 16.04 -7.81
CA PHE B 226 16.97 14.82 -7.66
C PHE B 226 17.29 14.19 -9.01
N ILE B 227 18.53 13.73 -9.14
CA ILE B 227 18.97 12.84 -10.21
C ILE B 227 19.45 11.55 -9.55
N ALA B 228 19.06 10.41 -10.15
CA ALA B 228 19.61 9.11 -9.78
C ALA B 228 20.45 8.58 -10.93
N PHE B 229 21.65 8.09 -10.63
CA PHE B 229 22.53 7.59 -11.67
C PHE B 229 23.34 6.40 -11.19
N ALA B 230 23.77 5.59 -12.15
CA ALA B 230 24.73 4.53 -11.86
C ALA B 230 26.11 5.16 -11.62
N SER B 231 26.90 4.53 -10.76
CA SER B 231 28.22 5.08 -10.44
C SER B 231 29.07 5.23 -11.70
N PRO B 232 29.72 6.37 -11.90
CA PRO B 232 30.79 6.45 -12.90
C PRO B 232 31.88 5.43 -12.57
N GLN B 233 32.65 5.08 -13.59
CA GLN B 233 33.74 4.12 -13.45
C GLN B 233 34.96 4.69 -14.16
N GLU B 234 36.00 4.99 -13.41
CA GLU B 234 37.20 5.58 -13.99
C GLU B 234 38.07 4.47 -14.56
N ASP B 235 38.53 4.67 -15.79
CA ASP B 235 39.44 3.73 -16.45
C ASP B 235 40.36 4.54 -17.35
N HIS B 236 41.05 3.89 -18.28
CA HIS B 236 41.99 4.57 -19.17
C HIS B 236 41.80 4.04 -20.58
N PRO B 237 40.67 4.38 -21.22
CA PRO B 237 40.35 3.77 -22.52
C PRO B 237 41.26 4.19 -23.64
N LYS B 238 42.03 5.27 -23.46
CA LYS B 238 43.04 5.68 -24.43
C LYS B 238 44.45 5.32 -23.96
N GLY B 239 44.56 4.40 -23.00
CA GLY B 239 45.85 4.03 -22.49
C GLY B 239 46.43 5.10 -21.58
N TYR B 240 47.75 5.02 -21.42
CA TYR B 240 48.45 5.82 -20.43
C TYR B 240 49.43 6.82 -21.03
N LEU B 241 49.54 6.86 -22.36
CA LEU B 241 50.46 7.74 -23.05
C LEU B 241 49.75 8.83 -23.86
N ALA B 242 48.41 8.93 -23.76
CA ALA B 242 47.68 10.00 -24.45
C ALA B 242 47.62 11.24 -23.55
N THR B 243 48.76 11.92 -23.46
CA THR B 243 48.95 12.96 -22.45
C THR B 243 48.16 14.24 -22.74
N LYS B 244 47.69 14.42 -23.97
CA LYS B 244 46.86 15.58 -24.31
C LYS B 244 45.38 15.25 -24.36
N SER B 245 44.98 14.09 -23.81
CA SER B 245 43.60 13.66 -23.86
C SER B 245 43.12 13.33 -22.45
N SER B 246 41.86 13.66 -22.17
CA SER B 246 41.26 13.19 -20.94
C SER B 246 41.19 11.67 -20.97
N HIS B 247 41.43 11.04 -19.82
CA HIS B 247 41.23 9.61 -19.70
C HIS B 247 39.83 9.26 -19.21
N LEU B 248 38.97 10.26 -19.02
CA LEU B 248 37.59 9.97 -18.63
C LEU B 248 36.82 9.38 -19.80
N ASN B 249 36.02 8.36 -19.52
CA ASN B 249 35.26 7.74 -20.59
C ASN B 249 34.03 8.57 -20.93
N GLN B 250 33.37 8.20 -22.04
CA GLN B 250 32.23 8.98 -22.53
C GLN B 250 31.10 9.12 -21.51
N PRO B 251 30.63 8.05 -20.84
CA PRO B 251 29.57 8.27 -19.85
C PRO B 251 29.99 9.13 -18.69
N PHE B 252 31.25 9.06 -18.24
CA PHE B 252 31.71 9.96 -17.19
C PHE B 252 31.67 11.41 -17.66
N LYS B 253 32.18 11.66 -18.87
CA LYS B 253 32.14 13.01 -19.42
C LYS B 253 30.72 13.54 -19.55
N SER B 254 29.80 12.68 -20.02
CA SER B 254 28.41 13.05 -20.22
C SER B 254 27.74 13.43 -18.91
N VAL B 255 28.01 12.65 -17.86
CA VAL B 255 27.48 12.95 -16.54
C VAL B 255 28.04 14.27 -16.03
N LEU B 256 29.35 14.45 -16.12
CA LEU B 256 29.96 15.67 -15.61
C LEU B 256 29.39 16.90 -16.30
N ASN B 257 29.25 16.83 -17.62
CA ASN B 257 28.80 18.01 -18.34
C ASN B 257 27.33 18.27 -18.13
N PHE B 258 26.51 17.22 -18.07
CA PHE B 258 25.09 17.43 -17.76
C PHE B 258 24.93 18.03 -16.37
N PHE B 259 25.68 17.52 -15.38
CA PHE B 259 25.53 18.01 -14.01
C PHE B 259 25.92 19.48 -13.90
N ALA B 260 27.01 19.87 -14.58
CA ALA B 260 27.44 21.27 -14.52
C ALA B 260 26.43 22.20 -15.17
N ASN B 261 25.71 21.72 -16.18
CA ASN B 261 24.78 22.53 -16.95
C ASN B 261 23.36 22.50 -16.39
N ASN B 262 23.12 21.69 -15.37
CA ASN B 262 21.78 21.50 -14.86
C ASN B 262 21.72 21.70 -13.35
N ASN B 263 22.65 22.50 -12.82
CA ASN B 263 22.56 23.00 -11.44
C ASN B 263 22.64 21.89 -10.39
N VAL B 264 23.37 20.81 -10.69
CA VAL B 264 23.71 19.82 -9.66
C VAL B 264 24.75 20.45 -8.73
N GLN B 265 24.41 20.57 -7.46
CA GLN B 265 25.30 21.17 -6.48
C GLN B 265 25.89 20.16 -5.52
N LEU B 266 25.36 18.94 -5.48
CA LEU B 266 25.85 17.91 -4.57
C LEU B 266 25.73 16.56 -5.25
N VAL B 267 26.81 15.79 -5.21
CA VAL B 267 26.79 14.38 -5.60
C VAL B 267 26.94 13.56 -4.34
N VAL B 268 26.06 12.56 -4.17
CA VAL B 268 26.12 11.66 -3.01
C VAL B 268 26.45 10.26 -3.51
N ARG B 269 27.55 9.70 -3.00
CA ARG B 269 28.04 8.39 -3.40
C ARG B 269 27.67 7.37 -2.33
N LEU B 270 26.98 6.31 -2.74
CA LEU B 270 26.48 5.30 -1.81
C LEU B 270 27.14 3.94 -1.96
N ASN B 271 27.99 3.75 -2.97
CA ASN B 271 28.68 2.49 -3.19
C ASN B 271 30.18 2.70 -3.09
N SER B 272 30.92 1.59 -3.08
CA SER B 272 32.37 1.66 -2.98
C SER B 272 32.95 2.50 -4.11
N HIS B 273 34.18 2.98 -3.89
CA HIS B 273 34.80 3.92 -4.82
C HIS B 273 35.15 3.25 -6.16
N LEU B 274 34.68 3.83 -7.26
CA LEU B 274 35.07 3.39 -8.59
C LEU B 274 35.65 4.54 -9.40
N TYR B 275 35.84 5.70 -8.77
CA TYR B 275 36.34 6.88 -9.46
C TYR B 275 36.87 7.84 -8.39
N ASN B 276 37.66 8.81 -8.85
CA ASN B 276 38.20 9.84 -7.98
C ASN B 276 37.22 11.02 -7.94
N LYS B 277 36.74 11.36 -6.74
CA LYS B 277 35.74 12.41 -6.56
C LYS B 277 36.23 13.78 -7.02
N LYS B 278 37.54 13.95 -7.20
CA LYS B 278 38.08 15.22 -7.66
C LYS B 278 37.45 15.68 -8.97
N HIS B 279 37.03 14.74 -9.82
CA HIS B 279 36.44 15.13 -11.10
C HIS B 279 35.16 15.92 -10.91
N PHE B 280 34.40 15.64 -9.84
CA PHE B 280 33.22 16.43 -9.53
C PHE B 280 33.56 17.73 -8.83
N GLU B 281 34.47 17.68 -7.87
CA GLU B 281 34.85 18.90 -7.14
C GLU B 281 35.50 19.92 -8.06
N ASP B 282 36.31 19.47 -9.02
CA ASP B 282 36.98 20.38 -9.95
C ASP B 282 36.00 21.11 -10.86
N ILE B 283 34.78 20.60 -11.00
CA ILE B 283 33.74 21.30 -11.76
C ILE B 283 32.80 22.06 -10.83
N GLY B 284 33.18 22.21 -9.56
CA GLY B 284 32.44 23.03 -8.62
C GLY B 284 31.32 22.33 -7.89
N ILE B 285 31.27 21.00 -7.88
CA ILE B 285 30.17 20.25 -7.29
C ILE B 285 30.67 19.56 -6.03
N GLN B 286 29.97 19.79 -4.92
CA GLN B 286 30.32 19.11 -3.68
C GLN B 286 30.08 17.62 -3.82
N HIS B 287 30.96 16.82 -3.20
CA HIS B 287 30.86 15.37 -3.23
C HIS B 287 30.81 14.84 -1.80
N LEU B 288 29.90 13.92 -1.55
CA LEU B 288 29.70 13.36 -0.21
C LEU B 288 29.52 11.85 -0.28
N ASP B 289 30.28 11.12 0.54
CA ASP B 289 30.12 9.68 0.69
C ASP B 289 29.09 9.39 1.78
N LEU B 290 28.09 8.55 1.47
CA LEU B 290 27.22 7.93 2.47
C LEU B 290 27.10 6.44 2.12
N ILE B 291 28.20 5.72 2.21
CA ILE B 291 28.30 4.41 1.58
C ILE B 291 27.73 3.34 2.49
N PHE B 292 26.93 2.44 1.92
CA PHE B 292 26.52 1.23 2.62
C PHE B 292 26.48 0.10 1.60
N GLU B 293 26.47 -1.13 2.10
CA GLU B 293 26.79 -2.29 1.27
C GLU B 293 25.68 -2.61 0.29
N ASP B 294 26.08 -3.15 -0.86
CA ASP B 294 25.15 -3.59 -1.90
C ASP B 294 24.06 -4.48 -1.33
N GLY B 295 22.83 -4.19 -1.72
CA GLY B 295 21.67 -4.97 -1.29
C GLY B 295 21.21 -4.76 0.14
N THR B 296 21.84 -3.87 0.91
CA THR B 296 21.44 -3.66 2.30
C THR B 296 20.60 -2.40 2.41
N CYS B 297 20.06 -2.20 3.61
CA CYS B 297 19.28 -1.02 3.93
C CYS B 297 20.06 -0.08 4.83
N PRO B 298 19.97 1.24 4.61
CA PRO B 298 20.82 2.17 5.35
C PRO B 298 20.34 2.33 6.79
N ASP B 299 21.31 2.47 7.70
CA ASP B 299 20.99 2.90 9.06
C ASP B 299 20.24 4.22 9.02
N LEU B 300 19.32 4.41 9.97
CA LEU B 300 18.53 5.64 9.94
C LEU B 300 19.40 6.87 10.14
N SER B 301 20.56 6.72 10.79
CA SER B 301 21.49 7.83 10.91
C SER B 301 21.98 8.29 9.54
N ILE B 302 22.21 7.35 8.63
CA ILE B 302 22.60 7.70 7.27
C ILE B 302 21.46 8.45 6.58
N VAL B 303 20.23 7.95 6.71
CA VAL B 303 19.08 8.55 6.05
C VAL B 303 18.88 9.99 6.55
N LYS B 304 19.00 10.19 7.86
CA LYS B 304 18.85 11.54 8.43
C LYS B 304 19.91 12.48 7.89
N ASN B 305 21.17 12.04 7.85
CA ASN B 305 22.22 12.84 7.24
C ASN B 305 21.87 13.16 5.79
N PHE B 306 21.40 12.16 5.03
CA PHE B 306 21.04 12.42 3.64
C PHE B 306 19.96 13.48 3.54
N VAL B 307 18.90 13.34 4.36
CA VAL B 307 17.79 14.27 4.26
C VAL B 307 18.24 15.68 4.61
N GLY B 308 19.08 15.82 5.64
CA GLY B 308 19.60 17.14 5.98
C GLY B 308 20.46 17.73 4.87
N ALA B 309 21.37 16.92 4.31
CA ALA B 309 22.18 17.39 3.19
C ALA B 309 21.30 17.84 2.03
N ALA B 310 20.33 17.01 1.66
CA ALA B 310 19.44 17.35 0.56
C ALA B 310 18.66 18.63 0.86
N GLU B 311 18.18 18.80 2.10
CA GLU B 311 17.42 19.99 2.42
C GLU B 311 18.26 21.26 2.28
N THR B 312 19.51 21.22 2.76
CA THR B 312 20.40 22.37 2.61
C THR B 312 20.56 22.75 1.14
N ILE B 313 20.75 21.75 0.28
CA ILE B 313 20.95 22.03 -1.14
C ILE B 313 19.66 22.53 -1.77
N ILE B 314 18.53 21.89 -1.46
CA ILE B 314 17.25 22.31 -2.01
C ILE B 314 16.95 23.76 -1.59
N LYS B 315 17.28 24.11 -0.35
CA LYS B 315 17.10 25.48 0.11
C LYS B 315 17.88 26.48 -0.76
N ARG B 316 19.04 26.07 -1.26
CA ARG B 316 19.83 26.92 -2.15
C ARG B 316 19.33 26.88 -3.59
N GLY B 317 18.34 26.05 -3.90
CA GLY B 317 17.84 25.92 -5.25
C GLY B 317 18.57 24.93 -6.12
N GLY B 318 19.51 24.14 -5.56
CA GLY B 318 20.28 23.21 -6.36
C GLY B 318 19.71 21.80 -6.40
N LYS B 319 20.28 20.98 -7.28
CA LYS B 319 19.90 19.58 -7.42
C LYS B 319 20.92 18.68 -6.73
N ILE B 320 20.42 17.56 -6.23
CA ILE B 320 21.24 16.50 -5.64
C ILE B 320 21.24 15.32 -6.61
N ALA B 321 22.42 14.88 -7.02
CA ALA B 321 22.58 13.68 -7.82
C ALA B 321 23.10 12.56 -6.94
N VAL B 322 22.40 11.44 -6.90
CA VAL B 322 22.70 10.33 -5.99
C VAL B 322 23.04 9.11 -6.82
N HIS B 323 24.13 8.41 -6.47
CA HIS B 323 24.45 7.20 -7.19
C HIS B 323 24.78 6.05 -6.24
N SER B 324 24.46 4.85 -6.70
CA SER B 324 25.03 3.64 -6.08
C SER B 324 25.67 2.89 -7.23
N LYS B 325 25.87 1.57 -7.13
CA LYS B 325 26.47 0.86 -8.25
C LYS B 325 25.59 0.97 -9.50
N ALA B 326 24.30 0.63 -9.36
CA ALA B 326 23.37 0.73 -10.48
C ALA B 326 22.49 1.97 -10.43
N GLY B 327 22.50 2.72 -9.33
CA GLY B 327 21.58 3.83 -9.19
C GLY B 327 20.14 3.41 -9.01
N LEU B 328 19.93 2.22 -8.44
CA LEU B 328 18.60 1.65 -8.31
C LEU B 328 18.23 1.38 -6.86
N GLY B 329 18.93 0.46 -6.20
CA GLY B 329 18.50 0.00 -4.89
C GLY B 329 18.78 0.98 -3.76
N ARG B 330 20.07 1.16 -3.45
CA ARG B 330 20.47 2.04 -2.37
C ARG B 330 20.05 3.47 -2.64
N THR B 331 20.20 3.92 -3.89
CA THR B 331 19.75 5.27 -4.25
C THR B 331 18.26 5.44 -4.02
N GLY B 332 17.47 4.43 -4.37
CA GLY B 332 16.03 4.49 -4.14
C GLY B 332 15.67 4.57 -2.67
N CYS B 333 16.44 3.92 -1.80
CA CYS B 333 16.20 4.01 -0.36
C CYS B 333 16.26 5.45 0.11
N LEU B 334 17.30 6.18 -0.31
CA LEU B 334 17.53 7.51 0.24
C LEU B 334 16.67 8.57 -0.44
N ILE B 335 16.57 8.53 -1.77
CA ILE B 335 15.69 9.48 -2.44
C ILE B 335 14.25 9.20 -2.05
N GLY B 336 13.89 7.91 -1.95
CA GLY B 336 12.54 7.56 -1.54
C GLY B 336 12.18 8.07 -0.16
N ALA B 337 13.11 7.95 0.79
CA ALA B 337 12.85 8.48 2.13
C ALA B 337 12.61 9.99 2.09
N HIS B 338 13.40 10.70 1.29
CA HIS B 338 13.22 12.15 1.20
C HIS B 338 11.90 12.52 0.54
N LEU B 339 11.50 11.78 -0.50
CA LEU B 339 10.21 12.01 -1.14
C LEU B 339 9.06 11.81 -0.15
N ILE B 340 9.17 10.79 0.69
CA ILE B 340 8.13 10.52 1.68
C ILE B 340 8.12 11.61 2.74
N TYR B 341 9.30 11.99 3.23
CA TYR B 341 9.43 13.08 4.19
C TYR B 341 8.83 14.37 3.66
N THR B 342 9.07 14.68 2.39
CA THR B 342 8.66 15.97 1.82
C THR B 342 7.21 15.96 1.41
N TYR B 343 6.74 14.89 0.77
CA TYR B 343 5.47 14.92 0.07
C TYR B 343 4.42 13.97 0.62
N GLY B 344 4.76 13.09 1.54
CA GLY B 344 3.75 12.23 2.16
C GLY B 344 3.29 11.05 1.33
N PHE B 345 4.03 10.68 0.29
CA PHE B 345 3.82 9.42 -0.40
C PHE B 345 3.72 8.27 0.59
N THR B 346 2.84 7.30 0.30
CA THR B 346 3.04 5.99 0.92
C THR B 346 4.30 5.37 0.34
N ALA B 347 4.83 4.37 1.05
CA ALA B 347 5.99 3.67 0.52
C ALA B 347 5.69 3.05 -0.84
N ASN B 348 4.52 2.42 -0.98
CA ASN B 348 4.18 1.78 -2.25
C ASN B 348 4.06 2.80 -3.36
N GLU B 349 3.40 3.94 -3.08
CA GLU B 349 3.32 5.02 -4.06
C GLU B 349 4.71 5.50 -4.44
N CYS B 350 5.59 5.64 -3.45
CA CYS B 350 6.92 6.14 -3.70
C CYS B 350 7.70 5.20 -4.61
N ILE B 351 7.62 3.91 -4.33
CA ILE B 351 8.27 2.93 -5.19
C ILE B 351 7.68 2.99 -6.60
N GLY B 352 6.34 3.07 -6.70
CA GLY B 352 5.72 3.13 -8.01
C GLY B 352 6.14 4.35 -8.80
N PHE B 353 6.18 5.51 -8.14
CA PHE B 353 6.57 6.74 -8.83
C PHE B 353 8.03 6.67 -9.27
N LEU B 354 8.92 6.29 -8.35
CA LEU B 354 10.33 6.13 -8.70
C LEU B 354 10.52 5.22 -9.91
N ARG B 355 9.82 4.10 -9.94
CA ARG B 355 10.02 3.15 -11.03
C ARG B 355 9.37 3.63 -12.32
N PHE B 356 8.32 4.45 -12.20
CA PHE B 356 7.74 5.08 -13.38
C PHE B 356 8.75 5.97 -14.09
N ILE B 357 9.64 6.61 -13.34
CA ILE B 357 10.68 7.44 -13.98
C ILE B 357 11.93 6.62 -14.28
N ARG B 358 12.34 5.77 -13.35
CA ARG B 358 13.57 4.99 -13.48
C ARG B 358 13.27 3.56 -13.06
N PRO B 359 12.95 2.68 -14.01
CA PRO B 359 12.61 1.29 -13.67
C PRO B 359 13.67 0.63 -12.80
N GLY B 360 13.22 -0.25 -11.92
CA GLY B 360 14.10 -1.04 -11.10
C GLY B 360 14.51 -0.45 -9.76
N MET B 361 14.11 0.78 -9.44
CA MET B 361 14.53 1.36 -8.17
C MET B 361 13.88 0.63 -6.99
N VAL B 362 14.65 0.54 -5.89
CA VAL B 362 14.29 -0.10 -4.62
C VAL B 362 14.19 -1.61 -4.81
N VAL B 363 15.18 -2.34 -4.28
CA VAL B 363 15.42 -3.72 -4.66
C VAL B 363 15.30 -4.62 -3.43
N GLY B 364 14.59 -5.74 -3.59
CA GLY B 364 14.61 -6.79 -2.60
C GLY B 364 14.11 -6.33 -1.24
N PRO B 365 14.91 -6.60 -0.19
CA PRO B 365 14.47 -6.25 1.17
C PRO B 365 14.37 -4.75 1.41
N GLN B 366 14.95 -3.94 0.53
CA GLN B 366 14.78 -2.49 0.62
C GLN B 366 13.32 -2.07 0.47
N GLN B 367 12.50 -2.87 -0.22
CA GLN B 367 11.08 -2.55 -0.34
C GLN B 367 10.40 -2.63 1.02
N HIS B 368 10.54 -3.77 1.71
CA HIS B 368 9.95 -3.92 3.03
C HIS B 368 10.52 -2.89 4.00
N TRP B 369 11.80 -2.57 3.84
CA TRP B 369 12.41 -1.55 4.69
C TRP B 369 11.71 -0.21 4.50
N LEU B 370 11.52 0.21 3.25
CA LEU B 370 10.86 1.50 3.01
C LEU B 370 9.44 1.46 3.55
N TYR B 371 8.76 0.34 3.33
CA TYR B 371 7.39 0.17 3.83
C TYR B 371 7.34 0.31 5.34
N LEU B 372 8.30 -0.30 6.04
CA LEU B 372 8.22 -0.33 7.48
C LEU B 372 8.71 0.97 8.13
N HIS B 373 9.46 1.80 7.40
CA HIS B 373 10.00 3.03 7.97
C HIS B 373 9.31 4.27 7.45
N GLN B 374 8.27 4.13 6.63
CA GLN B 374 7.67 5.31 6.00
C GLN B 374 7.11 6.29 7.04
N ASN B 375 6.56 5.78 8.15
CA ASN B 375 6.06 6.68 9.19
C ASN B 375 7.20 7.47 9.82
N ASP B 376 8.36 6.84 10.00
CA ASP B 376 9.51 7.55 10.55
C ASP B 376 9.87 8.75 9.67
N PHE B 377 10.01 8.51 8.36
CA PHE B 377 10.39 9.58 7.44
C PHE B 377 9.38 10.71 7.47
N ARG B 378 8.10 10.36 7.38
CA ARG B 378 7.05 11.37 7.26
C ARG B 378 7.00 12.25 8.50
N GLU B 379 7.26 11.68 9.66
CA GLU B 379 7.08 12.41 10.90
C GLU B 379 8.36 13.06 11.41
N TRP B 380 9.50 12.85 10.74
CA TRP B 380 10.64 13.74 10.94
C TRP B 380 10.29 15.19 10.68
N LYS B 381 9.27 15.45 9.84
CA LYS B 381 8.81 16.82 9.65
C LYS B 381 8.38 17.47 10.96
N TYR B 382 7.96 16.67 11.95
CA TYR B 382 7.49 17.21 13.22
C TYR B 382 8.46 17.01 14.38
N THR B 383 9.28 15.96 14.35
CA THR B 383 10.18 15.69 15.46
C THR B 383 11.60 16.20 15.25
N THR B 384 11.92 16.74 14.08
CA THR B 384 13.26 17.21 13.79
C THR B 384 13.21 18.60 13.18
N ARG B 385 14.37 19.27 13.21
CA ARG B 385 14.54 20.56 12.56
C ARG B 385 15.91 20.58 11.90
N ILE B 386 16.06 21.50 10.95
CA ILE B 386 17.36 21.70 10.30
C ILE B 386 18.26 22.44 11.28
N SER B 387 19.37 21.81 11.66
CA SER B 387 20.30 22.41 12.60
C SER B 387 20.85 23.72 12.05
N LEU B 388 21.25 24.60 12.97
CA LEU B 388 21.88 25.84 12.56
C LEU B 388 23.40 25.75 12.55
N LYS B 389 23.97 24.64 13.04
CA LYS B 389 25.41 24.49 12.93
C LYS B 389 25.75 23.46 11.87
N PRO B 390 26.79 23.70 11.07
CA PRO B 390 27.17 22.74 10.04
C PRO B 390 27.75 21.47 10.66
N SER B 391 27.66 20.39 9.90
CA SER B 391 28.11 19.09 10.35
C SER B 391 29.23 18.58 9.45
N GLU B 392 30.33 18.16 10.06
CA GLU B 392 31.44 17.58 9.31
C GLU B 392 31.03 16.28 8.63
N ALA B 393 30.05 15.56 9.19
CA ALA B 393 29.63 14.29 8.61
C ALA B 393 28.94 14.45 7.27
N ILE B 394 28.44 15.65 6.93
CA ILE B 394 27.86 15.87 5.61
C ILE B 394 28.55 17.05 4.94
N GLY B 395 29.86 17.17 5.14
CA GLY B 395 30.65 18.13 4.39
C GLY B 395 30.26 19.57 4.62
N GLY B 396 29.78 19.91 5.81
CA GLY B 396 29.42 21.28 6.11
C GLY B 396 27.99 21.66 5.82
N LEU B 397 27.16 20.74 5.35
CA LEU B 397 25.73 21.02 5.24
C LEU B 397 25.09 20.88 6.62
N TYR B 398 23.79 21.19 6.71
CA TYR B 398 23.11 21.27 8.00
C TYR B 398 22.29 20.02 8.25
N PRO B 399 22.53 19.30 9.36
CA PRO B 399 21.86 18.03 9.59
C PRO B 399 20.50 18.19 10.24
N LEU B 400 19.71 17.11 10.15
CA LEU B 400 18.50 16.99 10.96
C LEU B 400 18.88 16.78 12.42
N ILE B 401 18.32 17.60 13.31
CA ILE B 401 18.53 17.43 14.74
C ILE B 401 17.18 17.39 15.45
N SER B 402 17.18 16.78 16.63
CA SER B 402 15.96 16.59 17.40
C SER B 402 15.29 17.93 17.70
N LEU B 403 14.00 17.87 18.05
CA LEU B 403 13.27 19.09 18.38
C LEU B 403 13.82 19.75 19.62
N GLU B 404 14.23 18.96 20.62
CA GLU B 404 14.84 19.54 21.82
C GLU B 404 16.09 20.32 21.48
N GLU B 405 16.92 19.82 20.57
CA GLU B 405 18.21 20.47 20.29
C GLU B 405 18.03 21.78 19.53
N TYR B 406 17.06 21.84 18.60
CA TYR B 406 16.78 23.10 17.93
C TYR B 406 16.26 24.16 18.90
N ARG B 407 15.68 23.72 20.03
CA ARG B 407 15.20 24.68 21.03
C ARG B 407 16.35 25.43 21.69
N LEU B 408 17.38 24.71 22.13
CA LEU B 408 18.49 25.35 22.83
C LEU B 408 19.35 26.20 21.89
N GLN B 409 19.54 25.75 20.64
CA GLN B 409 20.33 26.49 19.66
C GLN B 409 19.80 27.91 19.50
N GLU C 3 -28.32 3.44 -3.13
CA GLU C 3 -27.52 2.23 -2.94
C GLU C 3 -26.13 2.60 -2.44
N LEU C 4 -25.98 3.84 -1.99
CA LEU C 4 -24.68 4.32 -1.55
C LEU C 4 -24.43 4.07 -0.06
N GLY C 5 -25.43 3.60 0.68
CA GLY C 5 -25.29 3.45 2.12
C GLY C 5 -24.58 2.18 2.56
N PRO C 7 -24.05 -1.53 3.66
CA PRO C 7 -24.76 -2.74 3.25
C PRO C 7 -25.40 -3.45 4.44
N LEU C 8 -26.43 -4.23 4.19
CA LEU C 8 -27.26 -4.87 5.21
C LEU C 8 -26.77 -6.29 5.48
N LYS C 9 -26.54 -6.61 6.76
CA LYS C 9 -26.21 -7.98 7.13
C LYS C 9 -27.48 -8.81 7.15
N LYS C 10 -27.44 -9.97 6.50
CA LYS C 10 -28.61 -10.84 6.41
C LYS C 10 -28.25 -12.25 5.97
#